data_7OCJ
#
_entry.id   7OCJ
#
_cell.length_a   112.672
_cell.length_b   112.672
_cell.length_c   144.751
_cell.angle_alpha   90.000
_cell.angle_beta   90.000
_cell.angle_gamma   120.000
#
_symmetry.space_group_name_H-M   'P 32 2 1'
#
loop_
_entity.id
_entity.type
_entity.pdbx_description
1 polymer 'NbSOS2 (14509)'
2 polymer 'LexA repressor'
3 non-polymer 1,2-ETHANEDIOL
4 water water
#
loop_
_entity_poly.entity_id
_entity_poly.type
_entity_poly.pdbx_seq_one_letter_code
_entity_poly.pdbx_strand_id
1 'polypeptide(L)'
;QVQLVESGGGLVQAGGSLRLSCAASGSIRSLNAMGWYRQAPGKQRELVAAITSRGSTRYGDFVKGRFTISRGNAKNTVYL
QMNSLSVEDTAVYYCKQTQLGYDYWGQGTQVTVSS
;
G,E,B,H
2 'polypeptide(L)'
;MGSSHHHHHHSSGLVPRGSHMKALTARQQEVFDLIRDHISQTGMPPTRAEIAQRLGFRSPNAAEEHLKALARKGVIEIVS
GASRGIRLLQEEEEGLPLVGRVAAGEPLLAQQHIEGHYQVDPSLFKPNADFLLRVSGMSMKDIGIMDGDLLAVHKTQDVR
NGQVVVARIDDEVTVKRLKKQGNKVELLPENSEFKPIVVDLRQQSFTIEGLAVGVIRNGDWL
;
A,C,D,F
#
# COMPACT_ATOMS: atom_id res chain seq x y z
N GLN A 1 24.70 21.00 4.58
CA GLN A 1 23.72 21.63 3.72
C GLN A 1 24.30 21.82 2.31
N VAL A 2 23.50 21.48 1.29
CA VAL A 2 23.97 21.27 -0.08
C VAL A 2 23.47 22.38 -0.99
N GLN A 3 24.27 22.74 -2.00
CA GLN A 3 23.96 23.85 -2.91
C GLN A 3 24.03 23.35 -4.35
N LEU A 4 22.91 23.39 -5.06
CA LEU A 4 22.79 22.74 -6.36
C LEU A 4 22.65 23.75 -7.48
N VAL A 5 23.52 23.62 -8.50
CA VAL A 5 23.68 24.62 -9.55
C VAL A 5 23.44 23.99 -10.91
N GLU A 6 22.31 24.32 -11.54
CA GLU A 6 21.89 23.72 -12.80
C GLU A 6 22.52 24.44 -13.98
N SER A 7 22.65 23.72 -15.10
CA SER A 7 22.92 24.40 -16.36
C SER A 7 22.39 23.56 -17.52
N GLY A 8 22.20 24.22 -18.66
CA GLY A 8 22.13 23.52 -19.93
C GLY A 8 20.77 23.36 -20.57
N GLY A 9 19.70 23.92 -19.98
CA GLY A 9 18.36 23.82 -20.56
C GLY A 9 18.14 24.67 -21.79
N GLY A 10 16.87 24.94 -22.07
CA GLY A 10 16.56 25.80 -23.23
C GLY A 10 15.61 25.15 -24.21
N LEU A 11 15.44 25.77 -25.38
CA LEU A 11 14.47 25.27 -26.37
C LEU A 11 15.16 24.28 -27.32
N VAL A 12 14.40 23.27 -27.75
CA VAL A 12 14.95 22.24 -28.68
C VAL A 12 13.83 21.87 -29.65
N GLN A 13 14.18 21.60 -30.90
CA GLN A 13 13.19 21.12 -31.86
C GLN A 13 13.02 19.62 -31.70
N ALA A 14 11.77 19.16 -31.69
CA ALA A 14 11.46 17.76 -31.46
C ALA A 14 12.36 16.85 -32.29
N GLY A 15 12.73 15.70 -31.72
CA GLY A 15 13.74 14.82 -32.29
C GLY A 15 15.17 15.20 -31.95
N GLY A 16 15.37 16.47 -31.59
CA GLY A 16 16.72 16.95 -31.22
C GLY A 16 17.12 16.50 -29.83
N SER A 17 18.26 17.01 -29.38
CA SER A 17 18.87 16.58 -28.09
C SER A 17 19.36 17.78 -27.29
N LEU A 18 19.58 17.60 -25.99
CA LEU A 18 20.21 18.67 -25.17
C LEU A 18 20.67 18.05 -23.84
N ARG A 19 21.80 18.54 -23.30
CA ARG A 19 22.37 17.94 -22.08
C ARG A 19 22.20 18.86 -20.88
N LEU A 20 21.69 18.32 -19.79
CA LEU A 20 21.58 19.09 -18.55
C LEU A 20 22.72 18.68 -17.62
N SER A 21 23.11 19.56 -16.72
CA SER A 21 24.16 19.23 -15.74
C SER A 21 23.86 19.82 -14.36
N CYS A 22 24.37 19.18 -13.31
CA CYS A 22 24.20 19.64 -11.95
C CYS A 22 25.51 19.52 -11.17
N ALA A 23 25.79 20.52 -10.33
CA ALA A 23 26.97 20.53 -9.48
C ALA A 23 26.52 20.85 -8.07
N ALA A 24 26.97 20.05 -7.10
CA ALA A 24 26.54 20.16 -5.71
C ALA A 24 27.67 20.68 -4.84
N SER A 25 27.53 21.90 -4.35
CA SER A 25 28.43 22.54 -3.41
C SER A 25 28.09 22.11 -1.99
N GLY A 26 29.08 22.24 -1.10
CA GLY A 26 28.81 22.25 0.32
C GLY A 26 29.22 21.00 1.06
N SER A 27 28.41 20.57 2.03
CA SER A 27 28.68 19.40 2.85
C SER A 27 28.07 18.16 2.19
N ILE A 28 28.86 17.47 1.37
CA ILE A 28 28.37 16.34 0.56
C ILE A 28 28.94 15.06 1.16
N ARG A 29 28.05 14.22 1.68
CA ARG A 29 28.48 12.91 2.15
C ARG A 29 29.03 12.06 1.00
N SER A 30 29.95 11.14 1.30
CA SER A 30 30.48 10.30 0.25
C SER A 30 29.35 9.56 -0.44
N LEU A 31 28.51 8.88 0.33
CA LEU A 31 27.33 8.23 -0.20
C LEU A 31 26.25 9.26 -0.46
N ASN A 32 25.72 9.29 -1.68
CA ASN A 32 24.59 10.15 -1.97
C ASN A 32 23.96 9.70 -3.28
N ALA A 33 22.94 10.45 -3.69
CA ALA A 33 22.38 10.29 -5.03
C ALA A 33 22.00 11.67 -5.57
N MET A 34 22.00 11.77 -6.89
CA MET A 34 21.68 13.01 -7.56
C MET A 34 20.92 12.69 -8.82
N GLY A 35 20.14 13.66 -9.29
CA GLY A 35 19.57 13.53 -10.62
C GLY A 35 18.53 14.60 -10.86
N TRP A 36 17.54 14.26 -11.66
CA TRP A 36 16.57 15.24 -12.11
C TRP A 36 15.17 14.66 -11.94
N TYR A 37 14.27 15.49 -11.43
CA TYR A 37 12.84 15.30 -11.61
C TYR A 37 12.43 16.26 -12.71
N ARG A 38 11.14 16.30 -13.04
CA ARG A 38 10.66 17.29 -13.99
C ARG A 38 9.19 17.60 -13.73
N GLN A 39 8.74 18.77 -14.20
CA GLN A 39 7.37 19.20 -13.93
C GLN A 39 6.80 19.94 -15.13
N ALA A 40 5.79 19.32 -15.78
CA ALA A 40 5.04 20.01 -16.81
C ALA A 40 3.99 20.90 -16.16
N PRO A 41 3.72 22.06 -16.75
CA PRO A 41 2.73 22.96 -16.16
C PRO A 41 1.39 22.24 -16.00
N GLY A 42 0.86 22.25 -14.79
CA GLY A 42 -0.37 21.53 -14.51
C GLY A 42 -0.18 20.16 -13.90
N LYS A 43 0.76 19.38 -14.45
CA LYS A 43 0.96 18.01 -13.96
C LYS A 43 1.79 18.06 -12.68
N GLN A 44 2.19 16.89 -12.20
CA GLN A 44 2.97 16.81 -10.93
C GLN A 44 4.44 16.61 -11.25
N ARG A 45 5.28 16.51 -10.23
CA ARG A 45 6.74 16.37 -10.46
C ARG A 45 7.05 14.91 -10.71
N GLU A 46 7.86 14.63 -11.73
CA GLU A 46 8.14 13.23 -12.10
C GLU A 46 9.62 12.95 -12.09
N LEU A 47 9.99 11.76 -11.66
CA LEU A 47 11.39 11.35 -11.76
C LEU A 47 11.82 11.21 -13.22
N VAL A 48 12.98 11.75 -13.56
CA VAL A 48 13.57 11.60 -14.91
C VAL A 48 14.74 10.62 -14.89
N ALA A 49 15.79 10.94 -14.14
CA ALA A 49 16.98 10.13 -14.04
C ALA A 49 17.54 10.28 -12.62
N ALA A 50 18.20 9.23 -12.13
CA ALA A 50 18.91 9.36 -10.88
C ALA A 50 20.19 8.53 -10.93
N ILE A 51 21.19 8.94 -10.15
CA ILE A 51 22.49 8.28 -10.18
C ILE A 51 23.14 8.35 -8.80
N THR A 52 23.65 7.20 -8.32
CA THR A 52 24.29 7.15 -7.02
C THR A 52 25.72 7.60 -7.16
N SER A 53 26.29 8.03 -6.03
CA SER A 53 27.73 8.21 -5.96
C SER A 53 28.50 6.94 -6.33
N ARG A 54 27.89 5.75 -6.24
CA ARG A 54 28.57 4.49 -6.55
C ARG A 54 28.33 3.97 -7.96
N GLY A 55 27.46 4.62 -8.74
CA GLY A 55 27.31 4.30 -10.15
C GLY A 55 25.94 3.76 -10.55
N SER A 56 25.15 3.24 -9.62
CA SER A 56 23.82 2.78 -9.93
C SER A 56 22.98 3.91 -10.50
N THR A 57 21.99 3.55 -11.33
CA THR A 57 21.24 4.50 -12.13
C THR A 57 19.81 4.05 -12.24
N ARG A 58 18.88 5.01 -12.29
CA ARG A 58 17.47 4.74 -12.57
C ARG A 58 16.89 5.86 -13.43
N TYR A 59 15.96 5.49 -14.33
CA TYR A 59 15.33 6.45 -15.23
C TYR A 59 13.82 6.36 -15.09
N GLY A 60 13.14 7.49 -15.21
CA GLY A 60 11.69 7.47 -15.26
C GLY A 60 11.19 6.60 -16.40
N ASP A 61 9.93 6.16 -16.29
CA ASP A 61 9.45 5.14 -17.22
C ASP A 61 8.94 5.70 -18.50
N PHE A 62 9.09 7.00 -18.71
CA PHE A 62 8.88 7.55 -20.04
C PHE A 62 10.18 7.65 -20.83
N VAL A 63 11.33 7.57 -20.16
CA VAL A 63 12.61 7.81 -20.82
C VAL A 63 12.86 6.80 -21.94
N LYS A 64 12.56 5.52 -21.72
CA LYS A 64 12.68 4.46 -22.73
C LYS A 64 14.01 4.51 -23.50
N GLY A 65 15.11 4.28 -22.79
CA GLY A 65 16.41 4.32 -23.42
C GLY A 65 16.86 5.69 -23.89
N ARG A 66 15.96 6.67 -23.98
CA ARG A 66 16.28 7.92 -24.70
C ARG A 66 17.35 8.75 -23.96
N PHE A 67 17.27 8.84 -22.63
CA PHE A 67 18.16 9.66 -21.83
C PHE A 67 19.28 8.82 -21.21
N THR A 68 20.34 9.52 -20.81
CA THR A 68 21.42 8.86 -20.10
C THR A 68 22.04 9.78 -19.05
N ILE A 69 22.06 9.31 -17.78
CA ILE A 69 22.67 10.07 -16.69
C ILE A 69 24.05 9.48 -16.42
N SER A 70 25.01 10.34 -16.08
CA SER A 70 26.36 9.92 -15.76
C SER A 70 27.01 10.94 -14.84
N ARG A 71 27.92 10.49 -14.00
CA ARG A 71 28.70 11.41 -13.17
C ARG A 71 29.95 11.75 -13.94
N GLY A 72 30.41 12.99 -13.79
CA GLY A 72 31.57 13.42 -14.58
C GLY A 72 32.89 13.13 -13.89
N ASN A 73 34.00 13.41 -14.56
CA ASN A 73 35.31 13.28 -13.87
C ASN A 73 35.29 14.35 -12.79
N ALA A 74 34.48 15.39 -12.99
CA ALA A 74 34.29 16.43 -11.97
C ALA A 74 33.71 15.79 -10.70
N LYS A 75 33.89 16.42 -9.55
CA LYS A 75 33.43 15.83 -8.27
C LYS A 75 32.06 16.40 -7.90
N ASN A 76 31.08 15.50 -7.71
CA ASN A 76 29.73 15.93 -7.27
C ASN A 76 29.05 16.65 -8.43
N THR A 77 29.31 16.18 -9.65
CA THR A 77 28.69 16.77 -10.86
C THR A 77 28.13 15.66 -11.75
N VAL A 78 26.85 15.74 -12.11
CA VAL A 78 26.26 14.77 -13.03
C VAL A 78 25.76 15.52 -14.26
N TYR A 79 25.73 14.81 -15.38
CA TYR A 79 25.11 15.32 -16.60
C TYR A 79 24.03 14.35 -17.01
N LEU A 80 22.96 14.89 -17.60
CA LEU A 80 21.83 14.11 -18.13
C LEU A 80 21.79 14.32 -19.64
N GLN A 81 22.33 13.38 -20.42
CA GLN A 81 22.26 13.45 -21.87
C GLN A 81 20.86 13.05 -22.32
N MET A 82 20.05 14.05 -22.65
CA MET A 82 18.69 13.82 -23.14
C MET A 82 18.70 13.77 -24.67
N ASN A 83 18.32 12.63 -25.25
CA ASN A 83 18.24 12.51 -26.70
C ASN A 83 16.80 12.19 -27.13
N SER A 84 16.55 12.42 -28.42
CA SER A 84 15.28 12.08 -29.04
C SER A 84 14.10 12.74 -28.33
N LEU A 85 14.25 14.02 -28.02
CA LEU A 85 13.23 14.68 -27.17
C LEU A 85 11.91 14.91 -27.90
N SER A 86 10.79 14.81 -27.17
CA SER A 86 9.45 14.99 -27.75
C SER A 86 8.77 16.17 -27.07
N VAL A 87 7.92 16.88 -27.80
CA VAL A 87 7.19 18.02 -27.21
C VAL A 87 6.67 17.62 -25.83
N GLU A 88 6.26 16.36 -25.68
CA GLU A 88 5.65 15.89 -24.41
C GLU A 88 6.74 15.83 -23.34
N ASP A 89 7.96 16.22 -23.69
CA ASP A 89 9.08 16.23 -22.73
C ASP A 89 9.31 17.68 -22.29
N THR A 90 8.49 18.60 -22.77
CA THR A 90 8.60 20.02 -22.37
C THR A 90 8.17 20.18 -20.91
N ALA A 91 9.09 20.60 -20.06
CA ALA A 91 8.78 20.77 -18.64
C ALA A 91 9.87 21.54 -17.92
N VAL A 92 9.64 21.82 -16.64
CA VAL A 92 10.66 22.43 -15.81
C VAL A 92 11.44 21.30 -15.17
N TYR A 93 12.77 21.29 -15.33
CA TYR A 93 13.63 20.15 -14.98
C TYR A 93 14.50 20.41 -13.74
N TYR A 94 13.94 20.15 -12.55
CA TYR A 94 14.63 20.44 -11.29
C TYR A 94 15.73 19.41 -10.99
N CYS A 95 16.90 19.90 -10.59
CA CYS A 95 17.99 19.03 -10.20
C CYS A 95 17.84 18.61 -8.74
N LYS A 96 18.32 17.41 -8.41
CA LYS A 96 18.03 16.90 -7.07
C LYS A 96 19.20 16.12 -6.49
N GLN A 97 19.38 16.28 -5.17
CA GLN A 97 20.34 15.52 -4.40
C GLN A 97 19.70 15.17 -3.06
N THR A 98 19.87 13.91 -2.65
CA THR A 98 19.75 13.54 -1.25
C THR A 98 21.07 12.99 -0.76
N GLN A 99 21.21 13.12 0.54
CA GLN A 99 22.14 12.38 1.38
C GLN A 99 21.45 12.24 2.72
N LEU A 100 21.70 11.12 3.38
CA LEU A 100 21.19 10.88 4.72
C LEU A 100 19.66 11.02 4.78
N GLY A 101 18.98 10.88 3.66
CA GLY A 101 17.54 10.93 3.68
C GLY A 101 16.92 12.31 3.57
N TYR A 102 17.72 13.38 3.50
CA TYR A 102 17.24 14.74 3.32
C TYR A 102 17.45 15.15 1.87
N ASP A 103 16.46 15.87 1.30
CA ASP A 103 16.51 16.23 -0.11
C ASP A 103 17.01 17.65 -0.27
N TYR A 104 17.45 17.93 -1.48
CA TYR A 104 17.93 19.24 -1.86
C TYR A 104 17.53 19.48 -3.30
N TRP A 105 16.89 20.60 -3.54
CA TRP A 105 16.41 20.91 -4.87
C TRP A 105 17.28 21.95 -5.55
N GLY A 106 17.12 22.05 -6.86
CA GLY A 106 17.67 23.14 -7.63
C GLY A 106 16.63 24.22 -7.83
N GLN A 107 17.02 25.22 -8.62
CA GLN A 107 16.08 26.30 -8.90
C GLN A 107 15.07 25.89 -9.96
N GLY A 108 15.43 24.95 -10.80
CA GLY A 108 14.64 24.65 -11.96
C GLY A 108 15.36 25.09 -13.22
N THR A 109 15.19 24.30 -14.27
CA THR A 109 15.70 24.66 -15.60
C THR A 109 14.65 24.23 -16.61
N GLN A 110 14.07 25.22 -17.30
CA GLN A 110 12.97 24.96 -18.22
C GLN A 110 13.50 24.39 -19.54
N VAL A 111 12.73 23.47 -20.10
CA VAL A 111 13.09 22.81 -21.35
C VAL A 111 11.83 22.76 -22.20
N THR A 112 11.84 23.48 -23.31
CA THR A 112 10.71 23.50 -24.22
C THR A 112 11.13 22.80 -25.50
N VAL A 113 10.49 21.67 -25.78
CA VAL A 113 10.72 20.96 -27.06
C VAL A 113 9.54 21.37 -27.95
N SER A 114 9.80 21.90 -29.14
CA SER A 114 8.68 22.44 -29.95
C SER A 114 8.36 21.52 -31.13
N SER A 115 7.09 21.55 -31.58
CA SER A 115 6.65 20.69 -32.71
C SER A 115 7.43 21.02 -33.99
N GLU B 94 34.17 -2.38 0.17
CA GLU B 94 33.89 -3.56 0.96
C GLU B 94 32.40 -3.77 1.16
N GLY B 95 31.57 -2.78 1.22
CA GLY B 95 30.16 -3.18 1.19
C GLY B 95 29.42 -3.49 2.44
N LEU B 96 28.16 -3.84 2.29
CA LEU B 96 27.25 -3.95 3.44
C LEU B 96 27.45 -5.19 4.30
N PRO B 97 27.55 -4.99 5.62
CA PRO B 97 27.66 -6.09 6.53
C PRO B 97 26.39 -6.90 6.85
N LEU B 98 26.48 -8.24 6.84
CA LEU B 98 25.39 -9.09 7.27
C LEU B 98 25.40 -9.22 8.79
N VAL B 99 24.23 -9.22 9.40
CA VAL B 99 24.17 -9.31 10.85
C VAL B 99 23.10 -10.33 11.21
N GLY B 100 23.49 -11.43 11.82
CA GLY B 100 22.50 -12.47 12.12
C GLY B 100 21.83 -12.26 13.44
N ARG B 101 21.94 -13.23 14.34
CA ARG B 101 21.39 -13.06 15.70
C ARG B 101 22.44 -12.37 16.56
N VAL B 102 22.00 -11.57 17.53
CA VAL B 102 22.95 -10.82 18.38
C VAL B 102 22.90 -11.36 19.80
N ALA B 103 24.04 -11.81 20.29
CA ALA B 103 24.15 -12.30 21.66
C ALA B 103 23.86 -11.18 22.65
N ALA B 104 23.14 -11.54 23.73
CA ALA B 104 22.80 -10.56 24.75
C ALA B 104 24.06 -10.00 25.38
N GLY B 105 24.09 -8.67 25.55
CA GLY B 105 25.25 -7.99 26.06
C GLY B 105 26.28 -7.63 25.02
N GLU B 106 26.25 -8.31 23.87
CA GLU B 106 27.13 -7.92 22.79
C GLU B 106 26.43 -6.88 21.90
N PRO B 107 27.13 -5.82 21.47
CA PRO B 107 26.53 -4.87 20.54
C PRO B 107 26.25 -5.50 19.19
N LEU B 108 25.34 -4.84 18.45
CA LEU B 108 24.84 -5.40 17.22
C LEU B 108 25.94 -5.54 16.19
N LEU B 109 26.59 -4.41 15.86
CA LEU B 109 27.59 -4.40 14.80
C LEU B 109 28.97 -4.82 15.30
N ALA B 110 28.96 -5.72 16.26
CA ALA B 110 30.22 -6.26 16.76
C ALA B 110 30.79 -7.18 15.68
N GLN B 111 32.10 -7.10 15.43
CA GLN B 111 32.69 -7.89 14.33
C GLN B 111 32.39 -9.36 14.57
N GLN B 112 32.14 -9.76 15.82
CA GLN B 112 31.72 -11.14 16.12
C GLN B 112 30.39 -11.44 15.45
N HIS B 113 29.54 -10.43 15.30
CA HIS B 113 28.19 -10.69 14.76
C HIS B 113 28.14 -10.60 13.23
N ILE B 114 29.16 -10.03 12.58
CA ILE B 114 29.11 -9.89 11.14
C ILE B 114 29.30 -11.25 10.47
N GLU B 115 28.27 -11.71 9.78
CA GLU B 115 28.28 -12.93 8.97
C GLU B 115 28.37 -12.59 7.50
N GLY B 116 29.16 -11.57 7.16
CA GLY B 116 29.50 -11.35 5.78
C GLY B 116 29.47 -9.91 5.34
N HIS B 117 30.02 -9.66 4.16
CA HIS B 117 29.88 -8.37 3.50
C HIS B 117 29.28 -8.58 2.12
N TYR B 118 28.21 -7.84 1.82
CA TYR B 118 27.49 -7.96 0.56
C TYR B 118 27.73 -6.73 -0.28
N GLN B 119 27.98 -6.97 -1.57
CA GLN B 119 28.31 -5.95 -2.56
C GLN B 119 27.01 -5.41 -3.11
N VAL B 120 26.44 -4.46 -2.39
CA VAL B 120 25.20 -3.84 -2.77
C VAL B 120 25.36 -2.35 -2.57
N ASP B 121 25.13 -1.55 -3.61
CA ASP B 121 25.21 -0.07 -3.50
C ASP B 121 24.34 0.40 -2.37
N PRO B 122 24.91 1.02 -1.35
CA PRO B 122 24.14 1.42 -0.19
C PRO B 122 23.20 2.58 -0.47
N SER B 123 23.51 3.36 -1.48
CA SER B 123 22.78 4.58 -1.85
C SER B 123 21.63 4.18 -2.76
N LEU B 124 21.37 2.89 -2.86
CA LEU B 124 20.20 2.35 -3.56
C LEU B 124 19.10 2.29 -2.53
N PHE B 125 19.38 2.74 -1.33
CA PHE B 125 18.35 2.82 -0.28
C PHE B 125 18.34 4.28 0.23
N LYS B 126 17.18 4.81 0.62
CA LYS B 126 17.07 6.21 1.08
C LYS B 126 16.35 6.21 2.42
N PRO B 127 17.03 6.64 3.50
CA PRO B 127 18.46 6.99 3.50
C PRO B 127 19.31 5.75 3.29
N ASN B 128 20.64 5.85 3.14
CA ASN B 128 21.42 4.72 2.60
C ASN B 128 21.56 3.56 3.58
N ALA B 129 21.65 2.35 3.03
CA ALA B 129 21.84 1.17 3.87
C ALA B 129 23.20 1.23 4.55
N ASP B 130 23.24 0.81 5.81
CA ASP B 130 24.49 0.63 6.54
C ASP B 130 24.82 -0.82 6.84
N PHE B 131 23.80 -1.68 6.91
CA PHE B 131 24.03 -3.09 7.09
C PHE B 131 22.72 -3.80 6.76
N LEU B 132 22.84 -5.10 6.51
CA LEU B 132 21.70 -5.96 6.27
C LEU B 132 21.48 -6.79 7.52
N LEU B 133 20.29 -6.72 8.08
CA LEU B 133 19.98 -7.50 9.26
C LEU B 133 19.03 -8.61 8.85
N ARG B 134 19.43 -9.85 9.12
CA ARG B 134 18.55 -10.99 8.87
C ARG B 134 17.33 -10.94 9.78
N VAL B 135 16.14 -10.87 9.18
CA VAL B 135 14.91 -10.93 9.94
C VAL B 135 14.61 -12.34 10.44
N SER B 136 14.01 -12.38 11.62
CA SER B 136 13.79 -13.63 12.34
C SER B 136 12.30 -13.72 12.65
N GLY B 137 11.58 -14.55 11.90
CA GLY B 137 10.18 -14.81 12.17
C GLY B 137 9.26 -13.99 11.29
N MET B 138 7.97 -14.29 11.41
CA MET B 138 6.98 -13.80 10.49
C MET B 138 6.16 -12.65 11.07
N SER B 139 6.73 -11.90 12.03
CA SER B 139 5.96 -10.82 12.65
C SER B 139 5.62 -9.70 11.66
N MET B 140 6.39 -9.58 10.57
CA MET B 140 6.19 -8.50 9.61
C MET B 140 5.81 -9.01 8.24
N LYS B 141 5.35 -10.26 8.13
CA LYS B 141 5.06 -10.83 6.82
C LYS B 141 4.08 -9.98 6.03
N ASP B 142 3.14 -9.28 6.70
CA ASP B 142 2.07 -8.59 5.99
C ASP B 142 2.56 -7.36 5.23
N ILE B 143 3.79 -6.89 5.40
CA ILE B 143 4.34 -5.92 4.48
C ILE B 143 5.49 -6.49 3.67
N GLY B 144 5.61 -7.81 3.60
CA GLY B 144 6.60 -8.40 2.74
C GLY B 144 7.88 -8.82 3.42
N ILE B 145 8.09 -8.42 4.67
CA ILE B 145 9.28 -8.81 5.43
C ILE B 145 9.12 -10.23 5.94
N MET B 146 9.51 -11.20 5.12
CA MET B 146 9.38 -12.59 5.52
C MET B 146 10.51 -12.98 6.46
N ASP B 147 10.30 -14.08 7.17
CA ASP B 147 11.39 -14.65 7.95
C ASP B 147 12.53 -15.05 7.03
N GLY B 148 13.73 -14.57 7.33
CA GLY B 148 14.91 -14.90 6.57
C GLY B 148 15.42 -13.75 5.74
N ASP B 149 14.55 -12.82 5.40
CA ASP B 149 14.90 -11.62 4.66
C ASP B 149 16.07 -10.90 5.30
N LEU B 150 16.90 -10.30 4.47
CA LEU B 150 17.90 -9.35 4.92
C LEU B 150 17.30 -7.95 4.81
N LEU B 151 16.94 -7.37 5.96
CA LEU B 151 16.45 -6.00 6.06
C LEU B 151 17.62 -5.04 5.91
N ALA B 152 17.55 -4.15 4.92
CA ALA B 152 18.52 -3.06 4.81
C ALA B 152 18.17 -2.01 5.85
N VAL B 153 19.17 -1.52 6.55
CA VAL B 153 18.96 -0.69 7.74
C VAL B 153 19.87 0.53 7.67
N HIS B 154 19.31 1.71 7.92
CA HIS B 154 20.11 2.92 8.03
C HIS B 154 20.37 3.20 9.51
N LYS B 155 21.64 3.38 9.88
CA LYS B 155 22.01 3.52 11.29
C LYS B 155 21.62 4.91 11.76
N THR B 156 20.61 4.98 12.61
CA THR B 156 20.15 6.29 13.09
C THR B 156 19.21 6.07 14.25
N GLN B 157 19.08 7.11 15.08
CA GLN B 157 18.04 7.13 16.10
C GLN B 157 16.88 8.05 15.75
N ASP B 158 17.02 8.80 14.65
CA ASP B 158 15.97 9.77 14.21
C ASP B 158 14.87 9.02 13.48
N VAL B 159 13.91 8.49 14.23
CA VAL B 159 12.88 7.63 13.61
C VAL B 159 11.51 8.22 13.93
N ARG B 160 10.70 8.41 12.89
CA ARG B 160 9.35 8.98 13.06
C ARG B 160 8.35 7.85 13.27
N ASN B 161 7.17 8.17 13.79
CA ASN B 161 6.15 7.12 14.01
C ASN B 161 5.67 6.65 12.63
N GLY B 162 5.21 5.40 12.55
CA GLY B 162 4.74 4.84 11.28
C GLY B 162 5.88 4.24 10.54
N GLN B 163 7.08 4.70 10.86
CA GLN B 163 8.29 4.14 10.23
C GLN B 163 8.55 2.74 10.75
N VAL B 164 9.19 1.91 9.96
CA VAL B 164 9.54 0.54 10.33
C VAL B 164 10.99 0.52 10.77
N VAL B 165 11.25 0.09 12.01
CA VAL B 165 12.57 0.29 12.62
C VAL B 165 13.12 -1.02 13.13
N VAL B 166 14.41 -0.97 13.47
CA VAL B 166 15.09 -2.04 14.16
C VAL B 166 15.22 -1.59 15.60
N ALA B 167 14.75 -2.41 16.53
CA ALA B 167 14.79 -2.00 17.94
C ALA B 167 15.36 -3.10 18.83
N ARG B 168 15.92 -2.70 19.97
CA ARG B 168 16.41 -3.68 20.96
C ARG B 168 15.66 -3.45 22.25
N ILE B 169 14.80 -4.40 22.63
CA ILE B 169 14.07 -4.31 23.92
C ILE B 169 14.73 -5.33 24.84
N ASP B 170 15.45 -4.85 25.85
CA ASP B 170 16.19 -5.73 26.80
C ASP B 170 16.94 -6.81 26.02
N ASP B 171 17.87 -6.38 25.19
CA ASP B 171 18.74 -7.34 24.45
C ASP B 171 17.87 -8.33 23.71
N GLU B 172 17.12 -7.85 22.74
CA GLU B 172 16.29 -8.72 21.90
C GLU B 172 16.01 -7.88 20.67
N VAL B 173 16.67 -8.20 19.57
CA VAL B 173 16.50 -7.34 18.36
C VAL B 173 15.22 -7.75 17.67
N THR B 174 14.43 -6.75 17.33
CA THR B 174 13.11 -6.96 16.79
C THR B 174 12.87 -5.92 15.69
N VAL B 175 12.17 -6.31 14.64
CA VAL B 175 11.79 -5.43 13.55
C VAL B 175 10.30 -5.20 13.67
N LYS B 176 9.89 -3.95 13.91
CA LYS B 176 8.48 -3.65 14.07
C LYS B 176 8.25 -2.21 13.63
N ARG B 177 6.99 -1.84 13.51
CA ARG B 177 6.59 -0.50 13.10
C ARG B 177 6.46 0.37 14.34
N LEU B 178 7.06 1.55 14.30
CA LEU B 178 7.10 2.38 15.51
C LEU B 178 5.85 3.20 15.68
N LYS B 179 5.27 3.11 16.89
CA LYS B 179 4.14 3.99 17.21
C LYS B 179 4.53 4.91 18.35
N LYS B 180 5.08 6.04 17.98
CA LYS B 180 5.31 7.05 19.00
C LYS B 180 4.07 7.91 18.90
N GLN B 181 3.39 8.11 20.01
CA GLN B 181 2.21 9.00 20.04
C GLN B 181 2.03 9.44 21.49
N GLY B 182 2.82 10.42 21.92
CA GLY B 182 2.75 10.87 23.31
C GLY B 182 4.00 10.46 24.05
N ASN B 183 3.93 10.34 25.36
CA ASN B 183 5.09 9.79 26.10
C ASN B 183 5.04 8.30 25.76
N LYS B 184 4.14 7.94 24.84
CA LYS B 184 3.87 6.54 24.46
C LYS B 184 4.60 6.15 23.16
N VAL B 185 5.29 5.01 23.19
CA VAL B 185 5.97 4.46 21.98
C VAL B 185 5.69 2.95 21.94
N GLU B 186 5.13 2.46 20.84
CA GLU B 186 4.77 1.03 20.76
C GLU B 186 5.44 0.38 19.56
N LEU B 187 5.62 -0.93 19.61
CA LEU B 187 6.17 -1.68 18.49
C LEU B 187 5.07 -2.56 17.88
N LEU B 188 4.63 -2.16 16.76
CA LEU B 188 3.50 -2.75 16.08
C LEU B 188 3.99 -3.80 15.13
N PRO B 189 3.35 -4.95 15.11
CA PRO B 189 3.63 -5.92 14.06
C PRO B 189 2.81 -5.58 12.83
N GLU B 190 3.08 -6.36 11.80
CA GLU B 190 2.28 -6.34 10.56
C GLU B 190 1.95 -7.82 10.38
N ASN B 191 1.28 -8.41 11.36
CA ASN B 191 0.89 -9.84 11.35
C ASN B 191 -0.22 -9.99 12.38
N SER B 192 -1.43 -10.29 11.93
CA SER B 192 -2.61 -10.37 12.82
C SER B 192 -2.42 -11.36 13.97
N GLU B 193 -1.42 -12.22 13.93
CA GLU B 193 -1.29 -13.25 14.98
C GLU B 193 -0.36 -12.74 16.06
N PHE B 194 0.18 -11.54 15.86
CA PHE B 194 1.15 -10.96 16.83
C PHE B 194 0.50 -9.74 17.47
N LYS B 195 0.67 -9.59 18.78
CA LYS B 195 0.12 -8.44 19.50
C LYS B 195 1.08 -7.28 19.46
N PRO B 196 0.62 -6.07 19.71
CA PRO B 196 1.55 -4.95 19.84
C PRO B 196 2.46 -5.19 21.04
N ILE B 197 3.64 -4.62 20.96
CA ILE B 197 4.60 -4.64 22.05
C ILE B 197 4.69 -3.23 22.61
N VAL B 198 4.58 -3.11 23.92
CA VAL B 198 4.62 -1.82 24.56
C VAL B 198 5.99 -1.68 25.17
N VAL B 199 6.66 -0.56 24.87
CA VAL B 199 8.00 -0.29 25.45
C VAL B 199 7.89 0.66 26.64
N ASP B 200 8.17 0.18 27.84
CA ASP B 200 8.17 1.06 29.02
C ASP B 200 9.64 1.21 29.38
N LEU B 201 10.18 2.41 29.24
CA LEU B 201 11.62 2.59 29.47
C LEU B 201 11.90 2.56 30.96
N ARG B 202 10.94 2.08 31.73
CA ARG B 202 11.09 2.05 33.20
C ARG B 202 11.19 0.60 33.57
N GLN B 203 10.88 -0.26 32.63
CA GLN B 203 10.96 -1.72 32.87
C GLN B 203 12.02 -2.26 31.92
N GLN B 204 12.06 -1.72 30.73
CA GLN B 204 13.01 -2.26 29.73
C GLN B 204 14.00 -1.24 29.16
N SER B 205 15.24 -1.67 28.93
CA SER B 205 16.28 -0.92 28.23
C SER B 205 15.89 -0.97 26.76
N PHE B 206 15.81 0.16 26.10
CA PHE B 206 15.26 0.14 24.76
C PHE B 206 16.09 1.06 23.85
N THR B 207 16.70 0.50 22.81
CA THR B 207 17.48 1.31 21.87
C THR B 207 16.97 1.12 20.46
N ILE B 208 16.84 2.25 19.74
CA ILE B 208 16.57 2.25 18.31
C ILE B 208 17.89 1.98 17.58
N GLU B 209 18.02 0.78 17.02
CA GLU B 209 19.23 0.46 16.30
C GLU B 209 19.26 1.14 14.94
N GLY B 210 18.10 1.31 14.31
CA GLY B 210 18.08 2.09 13.09
C GLY B 210 16.79 1.93 12.34
N LEU B 211 16.81 2.51 11.15
CA LEU B 211 15.69 2.59 10.24
C LEU B 211 15.80 1.55 9.13
N ALA B 212 14.70 0.89 8.86
CA ALA B 212 14.60 -0.05 7.75
C ALA B 212 14.36 0.73 6.45
N VAL B 213 15.25 0.57 5.50
CA VAL B 213 15.04 1.22 4.23
C VAL B 213 14.88 0.19 3.11
N GLY B 214 14.44 -1.02 3.43
CA GLY B 214 14.10 -1.98 2.40
C GLY B 214 14.61 -3.36 2.72
N VAL B 215 14.42 -4.33 1.82
CA VAL B 215 14.89 -5.68 2.09
C VAL B 215 15.63 -6.25 0.89
N ILE B 216 16.50 -7.20 1.16
CA ILE B 216 17.11 -8.01 0.13
C ILE B 216 16.79 -9.44 0.50
N ARG B 217 16.05 -10.14 -0.37
CA ARG B 217 15.73 -11.53 -0.15
C ARG B 217 16.54 -12.28 -1.18
N ASN B 218 17.61 -12.94 -0.73
CA ASN B 218 18.54 -13.61 -1.66
C ASN B 218 18.81 -15.06 -1.24
N GLY B 219 18.61 -15.36 0.03
CA GLY B 219 18.78 -16.74 0.51
C GLY B 219 20.21 -17.21 0.51
N ASP B 220 20.40 -18.52 0.33
CA ASP B 220 21.76 -19.12 0.33
C ASP B 220 22.27 -19.15 -1.11
N TRP B 221 23.46 -18.58 -1.34
CA TRP B 221 23.97 -18.44 -2.72
C TRP B 221 25.13 -19.41 -2.99
N LEU B 222 25.43 -20.29 -2.06
CA LEU B 222 26.43 -21.36 -2.33
C LEU B 222 25.78 -22.70 -1.98
N GLU C 93 25.76 1.82 -16.52
CA GLU C 93 25.57 0.71 -17.46
C GLU C 93 26.46 -0.50 -17.12
N GLU C 94 26.64 -0.77 -15.82
CA GLU C 94 27.58 -1.84 -15.46
C GLU C 94 26.96 -2.87 -14.50
N GLY C 95 25.77 -2.57 -13.96
CA GLY C 95 25.18 -3.48 -12.96
C GLY C 95 23.97 -4.21 -13.48
N LEU C 96 23.14 -4.70 -12.57
CA LEU C 96 21.93 -5.46 -12.96
C LEU C 96 20.96 -4.49 -13.60
N PRO C 97 20.46 -4.77 -14.81
CA PRO C 97 19.47 -3.92 -15.45
C PRO C 97 18.11 -4.09 -14.78
N LEU C 98 17.38 -3.00 -14.81
CA LEU C 98 16.10 -2.90 -14.13
C LEU C 98 15.00 -2.78 -15.19
N VAL C 99 14.03 -3.68 -15.16
CA VAL C 99 12.95 -3.68 -16.13
C VAL C 99 11.66 -3.31 -15.43
N GLY C 100 10.86 -2.45 -16.06
CA GLY C 100 9.55 -2.09 -15.54
C GLY C 100 8.39 -2.53 -16.41
N ARG C 101 7.69 -1.56 -16.99
CA ARG C 101 6.60 -1.86 -17.91
C ARG C 101 7.17 -2.52 -19.15
N VAL C 102 6.53 -3.60 -19.59
CA VAL C 102 6.93 -4.32 -20.79
C VAL C 102 5.84 -4.14 -21.83
N ALA C 103 6.22 -3.54 -22.95
CA ALA C 103 5.34 -3.43 -24.11
C ALA C 103 5.06 -4.81 -24.70
N ALA C 104 3.92 -4.97 -25.33
CA ALA C 104 3.63 -6.26 -25.99
C ALA C 104 4.26 -6.29 -27.38
N GLY C 105 4.89 -7.40 -27.71
CA GLY C 105 5.53 -7.55 -29.03
C GLY C 105 6.99 -7.21 -28.97
N GLU C 106 7.43 -6.74 -27.80
CA GLU C 106 8.82 -6.31 -27.63
C GLU C 106 9.45 -7.17 -26.54
N PRO C 107 10.70 -7.65 -26.70
CA PRO C 107 11.31 -8.48 -25.72
C PRO C 107 11.34 -7.78 -24.37
N LEU C 108 11.56 -8.51 -23.30
CA LEU C 108 11.58 -7.96 -21.95
C LEU C 108 12.85 -7.18 -21.74
N LEU C 109 13.97 -7.70 -22.21
CA LEU C 109 15.30 -7.12 -21.96
C LEU C 109 15.66 -6.14 -23.04
N ALA C 110 14.65 -5.53 -23.61
CA ALA C 110 14.82 -4.52 -24.65
C ALA C 110 15.27 -3.21 -24.06
N GLN C 111 16.18 -2.51 -24.71
CA GLN C 111 16.77 -1.26 -24.19
C GLN C 111 15.73 -0.22 -23.85
N GLN C 112 14.57 -0.22 -24.49
CA GLN C 112 13.51 0.77 -24.27
C GLN C 112 12.72 0.38 -23.04
N HIS C 113 12.97 -0.81 -22.54
CA HIS C 113 12.26 -1.32 -21.34
C HIS C 113 13.19 -1.16 -20.14
N ILE C 114 14.47 -1.08 -20.42
CA ILE C 114 15.49 -0.97 -19.36
C ILE C 114 15.51 0.46 -18.82
N GLU C 115 15.17 0.62 -17.56
CA GLU C 115 15.10 1.91 -16.88
C GLU C 115 16.03 1.96 -15.68
N GLY C 116 17.18 1.30 -15.78
CA GLY C 116 18.24 1.54 -14.81
C GLY C 116 19.23 0.40 -14.78
N HIS C 117 20.34 0.65 -14.08
CA HIS C 117 21.34 -0.42 -13.87
C HIS C 117 21.76 -0.34 -12.40
N TYR C 118 21.42 -1.37 -11.63
CA TYR C 118 21.70 -1.34 -10.17
C TYR C 118 22.97 -2.14 -9.89
N GLN C 119 23.92 -1.50 -9.23
CA GLN C 119 25.20 -2.17 -8.90
C GLN C 119 24.94 -3.10 -7.72
N VAL C 120 24.57 -4.33 -8.03
CA VAL C 120 24.31 -5.36 -6.99
C VAL C 120 24.98 -6.62 -7.50
N ASP C 121 25.82 -7.25 -6.68
CA ASP C 121 26.51 -8.51 -7.06
C ASP C 121 25.51 -9.54 -7.56
N PRO C 122 25.54 -9.91 -8.85
CA PRO C 122 24.71 -11.02 -9.33
C PRO C 122 24.77 -12.33 -8.54
N SER C 123 25.98 -12.82 -8.28
CA SER C 123 26.18 -14.12 -7.66
C SER C 123 25.66 -14.16 -6.24
N LEU C 124 25.18 -13.02 -5.70
CA LEU C 124 24.43 -12.99 -4.45
C LEU C 124 23.08 -13.69 -4.58
N PHE C 125 22.74 -14.08 -5.79
CA PHE C 125 21.49 -14.83 -6.05
C PHE C 125 21.92 -16.17 -6.66
N LYS C 126 21.15 -17.24 -6.44
CA LYS C 126 21.47 -18.59 -6.97
C LYS C 126 20.20 -19.27 -7.48
N PRO C 127 20.04 -19.50 -8.80
CA PRO C 127 20.98 -19.01 -9.80
C PRO C 127 21.19 -17.50 -9.78
N ASN C 128 22.26 -17.01 -10.39
CA ASN C 128 22.61 -15.57 -10.36
C ASN C 128 21.51 -14.73 -10.97
N ALA C 129 21.33 -13.49 -10.47
CA ALA C 129 20.31 -12.69 -11.13
C ALA C 129 20.89 -12.08 -12.40
N ASP C 130 20.12 -12.17 -13.50
CA ASP C 130 20.47 -11.44 -14.73
C ASP C 130 19.79 -10.08 -14.84
N PHE C 131 18.69 -9.85 -14.11
CA PHE C 131 18.04 -8.55 -14.18
C PHE C 131 16.99 -8.46 -13.11
N LEU C 132 16.53 -7.23 -12.87
CA LEU C 132 15.53 -6.91 -11.86
C LEU C 132 14.26 -6.47 -12.56
N LEU C 133 13.17 -7.17 -12.28
CA LEU C 133 11.87 -6.92 -12.89
C LEU C 133 10.94 -6.41 -11.81
N ARG C 134 10.49 -5.17 -11.96
CA ARG C 134 9.54 -4.61 -11.01
C ARG C 134 8.26 -5.41 -11.07
N VAL C 135 7.79 -5.84 -9.91
CA VAL C 135 6.61 -6.67 -9.83
C VAL C 135 5.36 -5.80 -9.81
N SER C 136 4.29 -6.31 -10.40
CA SER C 136 3.00 -5.62 -10.46
C SER C 136 1.95 -6.39 -9.68
N GLY C 137 1.27 -5.70 -8.81
CA GLY C 137 0.19 -6.30 -8.07
C GLY C 137 0.66 -7.14 -6.92
N MET C 138 -0.31 -7.72 -6.24
CA MET C 138 -0.10 -8.39 -4.98
C MET C 138 -0.28 -9.90 -5.08
N SER C 139 -0.19 -10.47 -6.29
CA SER C 139 -0.48 -11.89 -6.44
C SER C 139 0.48 -12.79 -5.68
N MET C 140 1.61 -12.28 -5.21
CA MET C 140 2.59 -13.20 -4.58
C MET C 140 3.01 -12.70 -3.19
N LYS C 141 2.13 -11.97 -2.50
CA LYS C 141 2.46 -11.39 -1.18
C LYS C 141 2.67 -12.48 -0.13
N ASP C 142 1.99 -13.61 -0.27
CA ASP C 142 2.07 -14.67 0.76
C ASP C 142 3.51 -15.20 0.85
N ILE C 143 4.33 -14.92 -0.15
CA ILE C 143 5.77 -15.28 -0.05
C ILE C 143 6.58 -13.97 0.05
N GLY C 144 5.91 -12.85 0.30
CA GLY C 144 6.60 -11.60 0.53
C GLY C 144 6.98 -10.84 -0.71
N ILE C 145 6.31 -11.06 -1.83
CA ILE C 145 6.57 -10.34 -3.06
C ILE C 145 5.42 -9.40 -3.27
N MET C 146 5.69 -8.10 -3.14
CA MET C 146 4.68 -7.06 -3.11
C MET C 146 4.79 -6.20 -4.35
N ASP C 147 3.69 -5.52 -4.68
CA ASP C 147 3.73 -4.47 -5.69
C ASP C 147 4.96 -3.59 -5.47
N GLY C 148 5.62 -3.23 -6.57
CA GLY C 148 6.79 -2.38 -6.50
C GLY C 148 8.09 -3.12 -6.28
N ASP C 149 8.02 -4.36 -5.84
CA ASP C 149 9.25 -5.09 -5.50
C ASP C 149 10.04 -5.37 -6.76
N LEU C 150 11.36 -5.31 -6.64
CA LEU C 150 12.22 -5.64 -7.79
C LEU C 150 12.58 -7.12 -7.66
N LEU C 151 12.00 -7.93 -8.54
CA LEU C 151 12.27 -9.38 -8.53
C LEU C 151 13.56 -9.66 -9.27
N ALA C 152 14.55 -10.18 -8.56
CA ALA C 152 15.80 -10.62 -9.17
C ALA C 152 15.56 -11.90 -9.96
N VAL C 153 15.75 -11.83 -11.27
CA VAL C 153 15.43 -12.94 -12.17
C VAL C 153 16.71 -13.45 -12.80
N HIS C 154 16.86 -14.78 -12.84
CA HIS C 154 17.84 -15.45 -13.68
C HIS C 154 17.18 -15.78 -15.01
N LYS C 155 17.79 -15.34 -16.11
CA LYS C 155 17.22 -15.57 -17.43
C LYS C 155 17.55 -17.00 -17.88
N THR C 156 16.49 -17.78 -18.11
CA THR C 156 16.64 -19.20 -18.39
C THR C 156 15.25 -19.77 -18.68
N GLN C 157 15.23 -20.94 -19.33
CA GLN C 157 14.03 -21.77 -19.45
C GLN C 157 14.18 -23.06 -18.64
N ASP C 158 15.17 -23.09 -17.75
CA ASP C 158 15.55 -24.24 -16.92
C ASP C 158 14.84 -24.14 -15.56
N VAL C 159 13.53 -24.39 -15.56
CA VAL C 159 12.69 -24.14 -14.38
C VAL C 159 11.93 -25.39 -14.03
N ARG C 160 12.10 -25.85 -12.79
CA ARG C 160 11.44 -27.07 -12.32
C ARG C 160 10.04 -26.79 -11.79
N ASN C 161 9.25 -27.86 -11.74
CA ASN C 161 7.93 -27.77 -11.14
C ASN C 161 8.05 -27.38 -9.68
N GLY C 162 7.36 -26.32 -9.28
CA GLY C 162 7.37 -25.82 -7.93
C GLY C 162 8.03 -24.46 -7.78
N GLN C 163 8.92 -24.10 -8.70
CA GLN C 163 9.67 -22.85 -8.55
C GLN C 163 8.84 -21.67 -9.01
N VAL C 164 9.23 -20.49 -8.56
CA VAL C 164 8.58 -19.27 -9.01
C VAL C 164 9.31 -18.79 -10.26
N VAL C 165 8.54 -18.57 -11.32
CA VAL C 165 9.05 -18.21 -12.62
C VAL C 165 8.50 -16.85 -13.03
N VAL C 166 9.21 -16.21 -13.92
CA VAL C 166 8.64 -15.12 -14.68
C VAL C 166 8.21 -15.74 -15.99
N ALA C 167 6.94 -15.52 -16.35
CA ALA C 167 6.37 -16.10 -17.56
C ALA C 167 5.66 -15.01 -18.35
N ARG C 168 5.49 -15.28 -19.64
CA ARG C 168 4.83 -14.35 -20.56
C ARG C 168 3.72 -15.08 -21.31
N ILE C 169 2.49 -14.76 -20.94
CA ILE C 169 1.31 -15.42 -21.52
C ILE C 169 0.68 -14.44 -22.49
N ASP C 170 0.80 -14.73 -23.78
CA ASP C 170 0.28 -13.80 -24.80
C ASP C 170 0.81 -12.40 -24.50
N ASP C 171 2.12 -12.21 -24.52
CA ASP C 171 2.73 -10.86 -24.36
C ASP C 171 2.59 -10.33 -22.92
N GLU C 172 2.01 -11.09 -22.02
CA GLU C 172 1.78 -10.53 -20.66
C GLU C 172 2.71 -11.17 -19.65
N VAL C 173 3.50 -10.35 -18.97
CA VAL C 173 4.44 -10.87 -17.96
C VAL C 173 3.69 -11.12 -16.67
N THR C 174 3.95 -12.27 -16.06
CA THR C 174 3.35 -12.63 -14.79
C THR C 174 4.38 -13.42 -13.96
N VAL C 175 4.31 -13.28 -12.65
CA VAL C 175 5.23 -13.94 -11.75
C VAL C 175 4.42 -14.87 -10.89
N LYS C 176 4.56 -16.16 -11.13
CA LYS C 176 3.68 -17.13 -10.48
C LYS C 176 4.49 -18.36 -10.12
N ARG C 177 3.85 -19.25 -9.38
CA ARG C 177 4.49 -20.50 -9.08
C ARG C 177 4.10 -21.48 -10.16
N LEU C 178 5.06 -22.24 -10.62
CA LEU C 178 4.91 -23.06 -11.82
C LEU C 178 4.46 -24.48 -11.50
N LYS C 179 3.61 -25.03 -12.35
CA LYS C 179 3.19 -26.43 -12.27
C LYS C 179 2.75 -26.84 -13.67
N LYS C 180 3.67 -27.43 -14.42
CA LYS C 180 3.53 -27.63 -15.87
C LYS C 180 3.12 -29.06 -16.19
N GLN C 181 2.01 -29.20 -16.93
CA GLN C 181 1.36 -30.49 -17.19
C GLN C 181 1.25 -30.73 -18.70
N GLY C 182 2.37 -31.11 -19.30
CA GLY C 182 2.42 -31.32 -20.73
C GLY C 182 2.39 -29.95 -21.40
N ASN C 183 1.28 -29.61 -22.04
CA ASN C 183 1.10 -28.26 -22.54
C ASN C 183 -0.12 -27.56 -21.96
N LYS C 184 -0.73 -28.12 -20.91
CA LYS C 184 -1.55 -27.35 -19.98
C LYS C 184 -0.65 -27.04 -18.79
N VAL C 185 -0.12 -25.84 -18.74
CA VAL C 185 0.67 -25.44 -17.58
C VAL C 185 -0.20 -24.58 -16.68
N GLU C 186 -0.05 -24.78 -15.38
CA GLU C 186 -0.73 -24.03 -14.34
C GLU C 186 0.26 -23.10 -13.66
N LEU C 187 0.02 -21.81 -13.76
CA LEU C 187 0.71 -20.82 -12.97
C LEU C 187 -0.11 -20.53 -11.72
N LEU C 188 0.50 -20.71 -10.55
CA LEU C 188 -0.17 -20.57 -9.26
C LEU C 188 0.15 -19.26 -8.60
N PRO C 189 -0.84 -18.60 -8.00
CA PRO C 189 -0.58 -17.39 -7.22
C PRO C 189 -0.18 -17.79 -5.81
N GLU C 190 0.48 -16.86 -5.13
CA GLU C 190 0.69 -16.97 -3.69
C GLU C 190 -0.16 -15.93 -3.00
N ASN C 191 -1.48 -16.07 -3.16
CA ASN C 191 -2.44 -15.13 -2.57
C ASN C 191 -3.82 -15.70 -2.80
N SER C 192 -4.47 -16.17 -1.74
CA SER C 192 -5.69 -16.96 -1.94
C SER C 192 -6.80 -16.13 -2.57
N GLU C 193 -6.57 -14.81 -2.74
CA GLU C 193 -7.50 -13.95 -3.45
C GLU C 193 -7.56 -14.23 -4.94
N PHE C 194 -6.46 -14.69 -5.55
CA PHE C 194 -6.38 -14.88 -6.98
C PHE C 194 -6.62 -16.36 -7.31
N LYS C 195 -7.14 -16.63 -8.58
CA LYS C 195 -7.24 -18.03 -9.01
C LYS C 195 -6.02 -18.43 -9.83
N PRO C 196 -5.70 -19.72 -9.81
CA PRO C 196 -4.57 -20.21 -10.60
C PRO C 196 -4.84 -20.16 -12.09
N ILE C 197 -3.82 -19.70 -12.82
CA ILE C 197 -3.93 -19.54 -14.26
C ILE C 197 -3.59 -20.87 -14.91
N VAL C 198 -4.53 -21.41 -15.68
CA VAL C 198 -4.24 -22.49 -16.60
C VAL C 198 -4.09 -21.85 -17.96
N VAL C 199 -3.00 -22.21 -18.63
CA VAL C 199 -2.72 -21.67 -19.99
C VAL C 199 -2.57 -22.83 -20.98
N ASP C 200 -3.48 -22.94 -21.95
CA ASP C 200 -3.39 -24.00 -22.97
C ASP C 200 -2.45 -23.52 -24.07
N LEU C 201 -1.41 -24.27 -24.32
CA LEU C 201 -0.44 -23.88 -25.35
C LEU C 201 -1.12 -24.04 -26.70
N ARG C 202 -2.37 -24.44 -26.69
CA ARG C 202 -3.12 -24.59 -27.95
C ARG C 202 -3.88 -23.31 -28.14
N GLN C 203 -3.91 -22.50 -27.12
CA GLN C 203 -4.76 -21.28 -27.17
C GLN C 203 -3.89 -20.04 -27.09
N GLN C 204 -2.85 -20.07 -26.26
CA GLN C 204 -2.03 -18.89 -26.08
C GLN C 204 -0.56 -19.26 -26.19
N SER C 205 0.23 -18.32 -26.69
CA SER C 205 1.67 -18.48 -26.73
C SER C 205 2.25 -18.16 -25.37
N PHE C 206 3.19 -18.99 -24.94
CA PHE C 206 3.65 -19.00 -23.57
C PHE C 206 5.17 -19.09 -23.55
N THR C 207 5.82 -18.15 -22.90
CA THR C 207 7.27 -18.19 -22.81
C THR C 207 7.66 -18.09 -21.34
N ILE C 208 8.61 -18.94 -20.96
CA ILE C 208 9.26 -18.85 -19.67
C ILE C 208 10.42 -17.87 -19.81
N GLU C 209 10.39 -16.80 -19.04
CA GLU C 209 11.44 -15.80 -19.17
C GLU C 209 12.63 -16.10 -18.28
N GLY C 210 12.39 -16.65 -17.11
CA GLY C 210 13.48 -17.06 -16.25
C GLY C 210 12.97 -17.40 -14.87
N LEU C 211 13.92 -17.70 -14.01
CA LEU C 211 13.66 -18.15 -12.65
C LEU C 211 13.74 -16.96 -11.70
N ALA C 212 12.84 -16.97 -10.71
CA ALA C 212 12.84 -15.97 -9.65
C ALA C 212 13.84 -16.38 -8.57
N VAL C 213 14.87 -15.55 -8.34
CA VAL C 213 15.93 -15.91 -7.40
C VAL C 213 16.06 -14.93 -6.26
N GLY C 214 15.14 -13.98 -6.13
CA GLY C 214 15.11 -13.13 -4.95
C GLY C 214 14.39 -11.83 -5.20
N VAL C 215 14.33 -11.02 -4.18
CA VAL C 215 13.74 -9.71 -4.41
C VAL C 215 14.60 -8.65 -3.74
N ILE C 216 14.60 -7.49 -4.34
CA ILE C 216 15.15 -6.29 -3.74
C ILE C 216 13.99 -5.32 -3.59
N ARG C 217 13.94 -4.64 -2.45
CA ARG C 217 12.85 -3.72 -2.13
C ARG C 217 13.50 -2.41 -1.67
N ASN C 218 13.60 -1.44 -2.59
CA ASN C 218 14.26 -0.20 -2.28
C ASN C 218 13.42 1.04 -2.53
N GLY C 219 12.35 0.96 -3.31
CA GLY C 219 11.57 2.16 -3.54
C GLY C 219 12.34 3.23 -4.29
N ASP C 220 11.93 4.49 -4.04
CA ASP C 220 12.58 5.66 -4.63
C ASP C 220 13.76 6.03 -3.77
N TRP C 221 14.95 6.01 -4.36
CA TRP C 221 16.17 6.37 -3.66
C TRP C 221 16.69 7.75 -4.05
N LEU C 222 15.97 8.47 -4.92
CA LEU C 222 16.19 9.93 -5.11
C LEU C 222 14.88 10.68 -4.97
N GLN D 1 31.33 -29.35 -16.14
CA GLN D 1 32.76 -29.76 -16.10
C GLN D 1 33.56 -28.84 -15.18
N VAL D 2 33.21 -28.75 -13.90
CA VAL D 2 34.06 -27.99 -12.94
C VAL D 2 34.68 -29.00 -11.97
N GLN D 3 36.01 -29.09 -11.93
CA GLN D 3 36.68 -29.94 -10.94
C GLN D 3 37.29 -29.05 -9.88
N LEU D 4 37.21 -29.49 -8.66
CA LEU D 4 37.61 -28.65 -7.53
C LEU D 4 38.68 -29.39 -6.75
N VAL D 5 39.81 -28.73 -6.52
CA VAL D 5 40.97 -29.36 -5.84
C VAL D 5 41.18 -28.71 -4.48
N GLU D 6 41.15 -29.52 -3.46
CA GLU D 6 41.26 -29.00 -2.10
C GLU D 6 42.66 -29.23 -1.53
N SER D 7 42.97 -28.48 -0.50
CA SER D 7 44.31 -28.52 0.07
C SER D 7 44.25 -27.87 1.42
N GLY D 8 45.00 -28.39 2.36
CA GLY D 8 45.06 -27.81 3.68
C GLY D 8 44.52 -28.77 4.69
N GLY D 9 44.29 -28.29 5.89
CA GLY D 9 43.58 -29.16 6.84
C GLY D 9 44.49 -29.64 7.87
N GLY D 10 44.04 -30.62 8.60
CA GLY D 10 44.97 -31.22 9.54
C GLY D 10 44.50 -31.29 10.96
N LEU D 11 45.45 -31.51 11.84
CA LEU D 11 45.16 -31.66 13.26
C LEU D 11 45.82 -30.47 13.94
N VAL D 12 45.01 -29.66 14.58
CA VAL D 12 45.54 -28.48 15.30
C VAL D 12 44.90 -28.47 16.67
N GLN D 13 45.64 -28.02 17.68
CA GLN D 13 45.09 -27.95 19.04
C GLN D 13 44.26 -26.68 19.18
N ALA D 14 43.32 -26.66 20.13
CA ALA D 14 42.37 -25.54 20.27
C ALA D 14 43.07 -24.19 20.37
N GLY D 15 42.38 -23.13 19.95
CA GLY D 15 42.96 -21.79 19.87
C GLY D 15 43.89 -21.54 18.70
N GLY D 16 44.06 -22.56 17.91
CA GLY D 16 44.98 -22.48 16.77
C GLY D 16 44.38 -22.24 15.41
N SER D 17 45.25 -22.29 14.41
CA SER D 17 44.88 -21.94 13.03
C SER D 17 45.20 -23.01 12.00
N LEU D 18 44.44 -23.02 10.94
CA LEU D 18 44.66 -23.91 9.78
C LEU D 18 44.21 -23.13 8.55
N ARG D 19 44.86 -23.33 7.42
CA ARG D 19 44.45 -22.68 6.16
C ARG D 19 43.81 -23.73 5.27
N LEU D 20 42.88 -23.30 4.46
CA LEU D 20 42.16 -24.19 3.56
C LEU D 20 42.19 -23.56 2.17
N SER D 21 42.46 -24.38 1.18
CA SER D 21 42.61 -23.89 -0.22
C SER D 21 41.78 -24.76 -1.16
N CYS D 22 41.08 -24.10 -2.08
CA CYS D 22 40.32 -24.85 -3.10
C CYS D 22 40.58 -24.23 -4.46
N ALA D 23 41.12 -25.03 -5.36
CA ALA D 23 41.36 -24.57 -6.73
C ALA D 23 40.28 -25.12 -7.64
N ALA D 24 39.51 -24.23 -8.25
CA ALA D 24 38.52 -24.63 -9.22
C ALA D 24 39.14 -24.66 -10.59
N SER D 25 38.60 -25.49 -11.45
CA SER D 25 39.25 -25.62 -12.74
C SER D 25 38.24 -26.10 -13.77
N GLY D 26 38.48 -25.76 -15.03
CA GLY D 26 37.59 -26.21 -16.09
C GLY D 26 36.76 -25.10 -16.66
N SER D 27 35.46 -25.34 -16.76
CA SER D 27 34.51 -24.41 -17.39
C SER D 27 33.94 -23.47 -16.34
N ILE D 28 34.74 -22.50 -15.89
CA ILE D 28 34.28 -21.56 -14.87
C ILE D 28 33.59 -20.40 -15.59
N ARG D 29 32.39 -20.04 -15.12
CA ARG D 29 31.77 -18.82 -15.60
C ARG D 29 32.32 -17.67 -14.77
N SER D 30 32.38 -16.48 -15.38
CA SER D 30 32.94 -15.37 -14.61
C SER D 30 32.07 -15.04 -13.41
N LEU D 31 30.78 -15.36 -13.48
CA LEU D 31 29.87 -15.19 -12.34
C LEU D 31 29.73 -16.53 -11.65
N ASN D 32 30.19 -16.62 -10.40
CA ASN D 32 30.09 -17.87 -9.67
C ASN D 32 30.37 -17.60 -8.20
N ALA D 33 30.29 -18.65 -7.40
CA ALA D 33 30.55 -18.55 -5.98
C ALA D 33 31.40 -19.73 -5.55
N MET D 34 32.27 -19.49 -4.59
CA MET D 34 33.06 -20.55 -4.02
C MET D 34 33.08 -20.41 -2.51
N GLY D 35 33.10 -21.55 -1.84
CA GLY D 35 33.29 -21.55 -0.41
C GLY D 35 33.45 -22.96 0.12
N TRP D 36 33.17 -23.11 1.41
CA TRP D 36 33.22 -24.41 2.05
C TRP D 36 31.98 -24.61 2.90
N TYR D 37 31.42 -25.81 2.78
CA TYR D 37 30.51 -26.37 3.75
C TYR D 37 31.33 -27.28 4.66
N ARG D 38 30.77 -27.63 5.81
CA ARG D 38 31.41 -28.65 6.61
C ARG D 38 30.34 -29.57 7.17
N GLN D 39 30.74 -30.82 7.42
CA GLN D 39 29.87 -31.83 8.03
C GLN D 39 30.70 -32.57 9.06
N ALA D 40 30.25 -32.49 10.30
CA ALA D 40 30.92 -33.20 11.40
C ALA D 40 30.13 -34.47 11.69
N PRO D 41 30.80 -35.50 12.21
CA PRO D 41 30.10 -36.70 12.58
C PRO D 41 28.84 -36.41 13.39
N GLY D 42 27.68 -36.82 12.89
CA GLY D 42 26.44 -36.72 13.68
C GLY D 42 25.74 -35.40 13.54
N LYS D 43 26.19 -34.56 12.62
CA LYS D 43 25.60 -33.22 12.47
C LYS D 43 25.32 -32.97 10.99
N GLN D 44 24.60 -31.92 10.67
CA GLN D 44 24.20 -31.67 9.27
C GLN D 44 25.29 -30.89 8.53
N ARG D 45 25.17 -30.82 7.20
CA ARG D 45 26.14 -30.08 6.36
C ARG D 45 25.89 -28.58 6.50
N GLU D 46 26.75 -27.89 7.24
CA GLU D 46 26.67 -26.47 7.55
C GLU D 46 27.47 -25.64 6.56
N LEU D 47 26.95 -24.45 6.23
CA LEU D 47 27.74 -23.45 5.51
C LEU D 47 28.84 -22.89 6.41
N VAL D 48 30.08 -22.90 5.93
CA VAL D 48 31.19 -22.34 6.70
C VAL D 48 31.55 -20.94 6.21
N ALA D 49 31.82 -20.83 4.92
CA ALA D 49 32.24 -19.54 4.39
C ALA D 49 31.95 -19.55 2.90
N ALA D 50 31.88 -18.36 2.32
CA ALA D 50 31.54 -18.31 0.92
C ALA D 50 31.88 -16.94 0.35
N ILE D 51 32.22 -16.92 -0.93
CA ILE D 51 32.63 -15.68 -1.58
C ILE D 51 32.24 -15.75 -3.05
N THR D 52 31.70 -14.66 -3.59
CA THR D 52 31.30 -14.59 -4.99
C THR D 52 32.48 -14.16 -5.86
N SER D 53 32.34 -14.33 -7.17
CA SER D 53 33.36 -13.84 -8.08
C SER D 53 33.68 -12.38 -7.89
N ARG D 54 32.80 -11.62 -7.22
CA ARG D 54 32.91 -10.17 -7.10
C ARG D 54 33.19 -9.70 -5.67
N GLY D 55 33.47 -10.60 -4.75
CA GLY D 55 33.90 -10.23 -3.41
C GLY D 55 32.82 -10.29 -2.36
N SER D 56 31.54 -10.39 -2.72
CA SER D 56 30.52 -10.61 -1.71
C SER D 56 30.81 -11.91 -0.98
N THR D 57 30.68 -11.86 0.33
CA THR D 57 31.16 -12.93 1.18
C THR D 57 30.13 -13.20 2.26
N ARG D 58 30.11 -14.45 2.72
CA ARG D 58 29.19 -14.79 3.77
C ARG D 58 29.83 -15.88 4.61
N TYR D 59 29.52 -15.85 5.90
CA TYR D 59 30.12 -16.74 6.85
C TYR D 59 29.02 -17.47 7.62
N GLY D 60 29.33 -18.68 8.05
CA GLY D 60 28.40 -19.42 8.87
C GLY D 60 28.21 -18.79 10.23
N ASP D 61 27.06 -19.07 10.83
CA ASP D 61 26.71 -18.30 12.01
C ASP D 61 27.54 -18.70 13.25
N PHE D 62 28.28 -19.78 13.18
CA PHE D 62 29.20 -20.09 14.25
C PHE D 62 30.57 -19.44 14.04
N VAL D 63 30.85 -18.91 12.84
CA VAL D 63 32.20 -18.40 12.57
C VAL D 63 32.56 -17.30 13.57
N LYS D 64 31.63 -16.37 13.81
CA LYS D 64 31.79 -15.31 14.78
C LYS D 64 33.16 -14.65 14.67
N GLY D 65 33.47 -14.19 13.47
CA GLY D 65 34.63 -13.37 13.22
C GLY D 65 35.92 -14.12 12.97
N ARG D 66 35.93 -15.42 13.26
CA ARG D 66 37.19 -16.14 13.40
C ARG D 66 37.84 -16.54 12.08
N PHE D 67 37.04 -16.72 11.00
CA PHE D 67 37.58 -17.13 9.71
C PHE D 67 37.46 -16.00 8.71
N THR D 68 38.44 -15.90 7.82
CA THR D 68 38.36 -15.03 6.65
C THR D 68 38.39 -15.90 5.39
N ILE D 69 37.58 -15.52 4.39
CA ILE D 69 37.59 -16.18 3.07
C ILE D 69 38.18 -15.15 2.10
N SER D 70 39.14 -15.55 1.29
CA SER D 70 39.86 -14.62 0.40
C SER D 70 39.80 -15.16 -1.02
N ARG D 71 40.16 -14.35 -2.01
CA ARG D 71 40.03 -14.77 -3.42
C ARG D 71 41.42 -14.90 -4.05
N GLY D 72 42.34 -14.05 -3.63
CA GLY D 72 43.72 -14.17 -4.12
C GLY D 72 43.98 -13.60 -5.50
N ASN D 73 45.23 -13.69 -5.96
CA ASN D 73 45.60 -13.17 -7.30
C ASN D 73 45.59 -14.32 -8.30
N ALA D 74 45.44 -15.55 -7.83
CA ALA D 74 45.29 -16.69 -8.76
C ALA D 74 43.88 -16.61 -9.34
N LYS D 75 43.44 -17.64 -10.04
CA LYS D 75 42.12 -17.51 -10.69
C LYS D 75 41.24 -18.66 -10.25
N ASN D 76 40.05 -18.32 -9.78
CA ASN D 76 39.10 -19.39 -9.42
C ASN D 76 39.71 -20.18 -8.27
N THR D 77 40.46 -19.52 -7.40
CA THR D 77 40.99 -20.22 -6.21
C THR D 77 40.55 -19.45 -4.96
N VAL D 78 40.05 -20.15 -3.95
CA VAL D 78 39.55 -19.46 -2.73
C VAL D 78 40.34 -19.90 -1.51
N TYR D 79 40.71 -18.96 -0.65
CA TYR D 79 41.46 -19.27 0.55
C TYR D 79 40.57 -19.02 1.74
N LEU D 80 40.67 -19.92 2.71
CA LEU D 80 39.93 -19.83 3.96
C LEU D 80 40.92 -19.91 5.11
N GLN D 81 40.99 -18.86 5.92
CA GLN D 81 41.88 -18.79 7.07
C GLN D 81 41.06 -18.98 8.33
N MET D 82 41.42 -19.94 9.16
CA MET D 82 40.56 -20.41 10.25
C MET D 82 41.25 -20.23 11.60
N ASN D 83 41.14 -19.03 12.19
CA ASN D 83 41.74 -18.76 13.50
C ASN D 83 40.87 -19.23 14.67
N SER D 84 41.49 -19.38 15.84
CA SER D 84 40.79 -19.73 17.09
C SER D 84 39.87 -20.94 16.90
N LEU D 85 40.48 -22.04 16.51
CA LEU D 85 39.65 -23.23 16.21
C LEU D 85 39.25 -23.92 17.51
N SER D 86 38.04 -24.45 17.54
CA SER D 86 37.52 -25.13 18.74
C SER D 86 37.33 -26.60 18.45
N VAL D 87 37.21 -27.40 19.50
CA VAL D 87 37.00 -28.86 19.32
C VAL D 87 35.59 -29.05 18.79
N GLU D 88 34.90 -27.97 18.49
CA GLU D 88 33.53 -28.03 17.94
C GLU D 88 33.63 -27.64 16.47
N ASP D 89 34.84 -27.26 16.04
CA ASP D 89 35.07 -26.91 14.63
C ASP D 89 35.55 -28.17 13.90
N THR D 90 35.89 -29.21 14.66
CA THR D 90 36.39 -30.46 14.06
C THR D 90 35.33 -31.05 13.14
N ALA D 91 35.69 -31.34 11.90
CA ALA D 91 34.74 -31.88 10.90
C ALA D 91 35.41 -32.07 9.55
N VAL D 92 34.65 -32.60 8.60
CA VAL D 92 35.16 -32.72 7.21
C VAL D 92 34.65 -31.49 6.48
N TYR D 93 35.56 -30.69 5.94
CA TYR D 93 35.25 -29.41 5.29
C TYR D 93 35.29 -29.61 3.79
N TYR D 94 34.11 -29.59 3.17
CA TYR D 94 33.98 -29.81 1.73
C TYR D 94 33.95 -28.47 0.99
N CYS D 95 34.73 -28.40 -0.10
CA CYS D 95 34.72 -27.25 -0.97
C CYS D 95 33.49 -27.30 -1.86
N LYS D 96 32.94 -26.13 -2.17
CA LYS D 96 31.74 -26.06 -2.99
C LYS D 96 31.86 -24.88 -3.94
N GLN D 97 31.41 -25.10 -5.16
CA GLN D 97 31.36 -24.11 -6.22
C GLN D 97 29.95 -24.14 -6.80
N THR D 98 29.36 -22.97 -7.01
CA THR D 98 28.08 -22.90 -7.68
C THR D 98 28.19 -21.92 -8.83
N GLN D 99 27.66 -22.32 -9.97
CA GLN D 99 27.55 -21.44 -11.15
C GLN D 99 26.36 -21.95 -11.93
N LEU D 100 25.65 -20.98 -12.52
CA LEU D 100 24.38 -21.20 -13.17
C LEU D 100 23.42 -22.01 -12.30
N GLY D 101 23.56 -21.86 -10.99
CA GLY D 101 22.61 -22.56 -10.12
C GLY D 101 22.87 -24.02 -9.89
N TYR D 102 24.03 -24.54 -10.30
CA TYR D 102 24.38 -25.93 -10.04
C TYR D 102 25.44 -26.04 -8.95
N ASP D 103 25.54 -27.21 -8.33
CA ASP D 103 26.48 -27.40 -7.23
C ASP D 103 27.63 -28.30 -7.66
N TYR D 104 28.84 -27.86 -7.32
CA TYR D 104 30.06 -28.64 -7.60
C TYR D 104 30.73 -28.84 -6.25
N TRP D 105 31.03 -30.07 -5.89
CA TRP D 105 31.54 -30.34 -4.52
C TRP D 105 32.95 -30.92 -4.56
N GLY D 106 33.67 -30.82 -3.45
CA GLY D 106 34.98 -31.45 -3.34
C GLY D 106 34.87 -32.77 -2.62
N GLN D 107 35.99 -33.45 -2.43
CA GLN D 107 36.00 -34.78 -1.78
C GLN D 107 36.00 -34.58 -0.27
N GLY D 108 36.35 -33.38 0.17
CA GLY D 108 36.38 -33.09 1.60
C GLY D 108 37.80 -33.01 2.14
N THR D 109 37.97 -32.27 3.21
CA THR D 109 39.31 -32.09 3.83
C THR D 109 39.11 -32.24 5.34
N GLN D 110 39.94 -33.05 6.00
CA GLN D 110 39.76 -33.32 7.41
C GLN D 110 40.42 -32.23 8.25
N VAL D 111 39.61 -31.59 9.10
CA VAL D 111 40.05 -30.61 10.08
C VAL D 111 39.63 -31.13 11.45
N THR D 112 40.59 -31.41 12.32
CA THR D 112 40.25 -31.90 13.66
C THR D 112 41.07 -31.16 14.69
N VAL D 113 40.49 -30.97 15.87
CA VAL D 113 41.00 -30.03 16.86
C VAL D 113 41.13 -30.76 18.21
N SER D 114 42.32 -30.71 18.79
CA SER D 114 42.62 -31.42 20.02
C SER D 114 42.60 -30.47 21.21
N SER D 115 43.10 -30.96 22.34
CA SER D 115 43.46 -30.11 23.48
C SER D 115 44.41 -30.87 24.40
N GLN E 1 -21.42 28.61 22.35
CA GLN E 1 -20.35 28.71 21.33
C GLN E 1 -19.08 27.95 21.78
N VAL E 2 -18.15 27.82 20.86
CA VAL E 2 -16.85 27.13 21.05
C VAL E 2 -15.75 28.16 20.95
N GLN E 3 -14.78 28.09 21.83
CA GLN E 3 -13.65 29.05 21.79
C GLN E 3 -12.37 28.29 21.48
N LEU E 4 -11.52 28.89 20.68
CA LEU E 4 -10.31 28.20 20.23
C LEU E 4 -9.07 29.03 20.51
N VAL E 5 -8.07 28.43 21.12
CA VAL E 5 -6.83 29.08 21.48
C VAL E 5 -5.77 28.49 20.58
N GLU E 6 -5.25 29.31 19.66
CA GLU E 6 -4.14 28.87 18.84
C GLU E 6 -2.85 29.03 19.62
N SER E 7 -1.86 28.20 19.30
CA SER E 7 -0.56 28.39 19.88
C SER E 7 0.50 27.82 18.97
N GLY E 8 1.73 28.26 19.19
CA GLY E 8 2.87 27.71 18.49
C GLY E 8 3.06 28.18 17.06
N GLY E 9 2.80 29.44 16.76
CA GLY E 9 3.13 29.91 15.43
C GLY E 9 4.62 30.11 15.25
N GLY E 10 5.03 31.06 14.40
CA GLY E 10 6.38 31.58 14.48
C GLY E 10 7.03 31.79 13.13
N LEU E 11 8.36 31.96 13.20
CA LEU E 11 9.26 32.18 12.08
C LEU E 11 10.25 31.01 11.95
N VAL E 12 10.55 30.64 10.71
CA VAL E 12 11.51 29.52 10.46
C VAL E 12 12.08 29.64 9.05
N GLN E 13 13.16 28.89 8.77
CA GLN E 13 13.73 28.88 7.41
C GLN E 13 13.22 27.65 6.68
N ALA E 14 13.42 27.61 5.37
CA ALA E 14 12.91 26.48 4.56
C ALA E 14 13.43 25.16 5.14
N GLY E 15 12.73 24.07 4.82
CA GLY E 15 13.10 22.76 5.37
C GLY E 15 13.03 22.78 6.87
N GLY E 16 12.19 23.66 7.42
CA GLY E 16 12.08 23.79 8.88
C GLY E 16 10.95 22.99 9.46
N SER E 17 10.71 23.14 10.77
CA SER E 17 9.68 22.32 11.39
C SER E 17 9.02 23.10 12.52
N LEU E 18 7.72 23.37 12.33
CA LEU E 18 6.88 24.09 13.27
C LEU E 18 5.81 23.16 13.82
N ARG E 19 5.27 23.54 14.97
CA ARG E 19 4.15 22.84 15.56
C ARG E 19 3.09 23.86 15.94
N LEU E 20 1.93 23.76 15.31
CA LEU E 20 0.75 24.45 15.81
C LEU E 20 -0.02 23.52 16.72
N SER E 21 -0.51 24.07 17.82
CA SER E 21 -1.54 23.41 18.61
C SER E 21 -2.77 24.29 18.64
N CYS E 22 -3.90 23.65 18.93
CA CYS E 22 -5.13 24.40 19.04
C CYS E 22 -5.97 23.69 20.08
N ALA E 23 -6.46 24.43 21.06
CA ALA E 23 -7.28 23.88 22.13
C ALA E 23 -8.72 24.35 21.95
N ALA E 24 -9.64 23.40 21.91
CA ALA E 24 -11.04 23.75 21.86
C ALA E 24 -11.60 23.82 23.26
N SER E 25 -12.58 24.66 23.44
CA SER E 25 -12.98 25.03 24.78
C SER E 25 -14.42 25.51 24.72
N GLY E 26 -15.21 25.09 25.71
CA GLY E 26 -16.62 25.42 25.77
C GLY E 26 -17.47 24.19 25.72
N SER E 27 -18.62 24.33 25.07
CA SER E 27 -19.63 23.29 24.97
C SER E 27 -19.44 22.54 23.65
N ILE E 28 -18.72 21.39 23.70
CA ILE E 28 -18.31 20.65 22.50
C ILE E 28 -19.01 19.28 22.42
N ARG E 29 -19.60 19.01 21.26
CA ARG E 29 -20.29 17.76 20.99
C ARG E 29 -19.32 16.59 20.88
N SER E 30 -19.81 15.39 21.18
CA SER E 30 -18.97 14.21 20.99
C SER E 30 -18.60 14.03 19.53
N LEU E 31 -19.43 14.52 18.62
CA LEU E 31 -19.11 14.49 17.20
C LEU E 31 -18.69 15.89 16.71
N ASN E 32 -17.44 16.01 16.26
CA ASN E 32 -16.92 17.27 15.79
C ASN E 32 -15.69 17.03 14.92
N ALA E 33 -15.21 18.09 14.29
CA ALA E 33 -13.92 18.09 13.63
C ALA E 33 -13.14 19.35 14.00
N MET E 34 -11.81 19.20 14.06
CA MET E 34 -10.91 20.31 14.25
C MET E 34 -9.84 20.23 13.19
N GLY E 35 -9.10 21.33 13.02
CA GLY E 35 -7.94 21.33 12.14
C GLY E 35 -7.59 22.76 11.76
N TRP E 36 -6.90 22.90 10.62
CA TRP E 36 -6.48 24.21 10.18
C TRP E 36 -6.91 24.51 8.75
N TYR E 37 -7.26 25.76 8.53
CA TYR E 37 -7.31 26.38 7.21
C TYR E 37 -6.21 27.43 7.20
N ARG E 38 -5.85 27.91 6.01
CA ARG E 38 -4.77 28.91 5.95
C ARG E 38 -4.98 29.84 4.77
N GLN E 39 -4.45 31.04 4.90
CA GLN E 39 -4.61 32.10 3.89
C GLN E 39 -3.34 32.95 3.87
N ALA E 40 -2.61 32.88 2.76
CA ALA E 40 -1.40 33.63 2.48
C ALA E 40 -1.76 34.88 1.68
N PRO E 41 -1.01 35.98 1.84
CA PRO E 41 -1.41 37.24 1.18
C PRO E 41 -1.53 37.02 -0.32
N GLY E 42 -2.75 37.12 -0.82
CA GLY E 42 -3.01 36.94 -2.24
C GLY E 42 -3.87 35.74 -2.52
N LYS E 43 -3.50 34.59 -1.96
CA LYS E 43 -4.17 33.34 -2.26
C LYS E 43 -5.41 33.20 -1.35
N GLN E 44 -6.10 32.05 -1.39
CA GLN E 44 -7.38 31.91 -0.70
C GLN E 44 -7.23 31.11 0.58
N ARG E 45 -8.37 30.87 1.23
CA ARG E 45 -8.46 30.02 2.41
C ARG E 45 -8.35 28.56 2.01
N GLU E 46 -7.37 27.87 2.55
CA GLU E 46 -6.96 26.56 2.06
C GLU E 46 -7.03 25.60 3.22
N LEU E 47 -7.79 24.51 3.07
CA LEU E 47 -7.66 23.41 4.02
C LEU E 47 -6.21 22.91 4.05
N VAL E 48 -5.61 22.94 5.23
CA VAL E 48 -4.30 22.36 5.50
C VAL E 48 -4.45 20.96 6.07
N ALA E 49 -5.09 20.85 7.24
CA ALA E 49 -5.29 19.55 7.88
C ALA E 49 -6.59 19.58 8.67
N ALA E 50 -7.20 18.39 8.85
CA ALA E 50 -8.46 18.25 9.58
C ALA E 50 -8.56 16.83 10.15
N ILE E 51 -9.25 16.71 11.30
CA ILE E 51 -9.36 15.42 12.00
C ILE E 51 -10.67 15.37 12.77
N THR E 52 -11.46 14.31 12.56
CA THR E 52 -12.72 14.18 13.27
C THR E 52 -12.48 13.79 14.72
N SER E 53 -13.53 13.81 15.51
CA SER E 53 -13.48 13.33 16.89
C SER E 53 -13.26 11.83 16.97
N ARG E 54 -13.44 11.11 15.86
CA ARG E 54 -13.22 9.68 15.80
C ARG E 54 -11.88 9.30 15.20
N GLY E 55 -11.23 10.20 14.49
CA GLY E 55 -9.88 9.91 14.06
C GLY E 55 -9.71 9.89 12.56
N SER E 56 -10.78 10.18 11.84
CA SER E 56 -10.64 10.38 10.40
C SER E 56 -9.89 11.68 10.12
N THR E 57 -8.94 11.62 9.19
CA THR E 57 -8.06 12.73 8.85
C THR E 57 -8.16 13.07 7.37
N ARG E 58 -7.88 14.34 7.06
CA ARG E 58 -7.73 14.80 5.69
C ARG E 58 -6.73 15.95 5.65
N TYR E 59 -5.92 15.98 4.59
CA TYR E 59 -4.90 17.01 4.42
C TYR E 59 -5.09 17.70 3.08
N GLY E 60 -4.60 18.95 3.01
CA GLY E 60 -4.73 19.72 1.78
C GLY E 60 -3.94 19.09 0.66
N ASP E 61 -4.39 19.32 -0.59
CA ASP E 61 -3.74 18.72 -1.75
C ASP E 61 -2.27 19.14 -1.89
N PHE E 62 -1.77 20.02 -1.02
CA PHE E 62 -0.38 20.49 -1.01
C PHE E 62 0.45 19.91 0.13
N VAL E 63 -0.15 19.15 1.05
CA VAL E 63 0.62 18.59 2.14
C VAL E 63 1.56 17.50 1.64
N LYS E 64 1.12 16.72 0.66
CA LYS E 64 1.93 15.65 0.04
C LYS E 64 2.69 14.81 1.07
N GLY E 65 2.06 14.60 2.22
CA GLY E 65 2.63 13.76 3.24
C GLY E 65 3.62 14.46 4.15
N ARG E 66 3.58 15.79 4.22
CA ARG E 66 4.57 16.49 5.02
C ARG E 66 4.08 16.95 6.39
N PHE E 67 2.76 17.02 6.63
CA PHE E 67 2.24 17.44 7.92
C PHE E 67 1.54 16.26 8.59
N THR E 68 1.44 16.30 9.92
CA THR E 68 0.70 15.29 10.68
C THR E 68 -0.19 16.00 11.70
N ILE E 69 -1.44 15.59 11.78
CA ILE E 69 -2.37 16.13 12.76
C ILE E 69 -2.82 14.98 13.67
N SER E 70 -2.80 15.23 14.98
CA SER E 70 -3.09 14.22 16.00
C SER E 70 -3.79 14.87 17.18
N ARG E 71 -4.53 14.03 17.89
CA ARG E 71 -5.23 14.54 19.09
C ARG E 71 -4.34 14.23 20.29
N GLY E 72 -4.22 15.17 21.22
CA GLY E 72 -3.43 14.94 22.43
C GLY E 72 -4.31 14.40 23.51
N ASN E 73 -3.80 14.35 24.75
CA ASN E 73 -4.56 13.78 25.88
C ASN E 73 -5.76 14.67 26.21
N ALA E 74 -5.67 15.97 25.91
CA ALA E 74 -6.76 16.91 26.29
C ALA E 74 -8.03 16.68 25.47
N LYS E 75 -8.00 15.82 24.45
CA LYS E 75 -9.22 15.46 23.68
C LYS E 75 -9.67 16.63 22.80
N ASN E 76 -10.07 17.76 23.41
CA ASN E 76 -10.43 18.90 22.55
C ASN E 76 -9.23 19.76 22.24
N THR E 77 -8.10 19.12 21.99
CA THR E 77 -6.87 19.80 21.61
C THR E 77 -6.24 18.99 20.52
N VAL E 78 -5.88 19.66 19.42
CA VAL E 78 -5.19 18.98 18.33
C VAL E 78 -3.87 19.66 18.10
N TYR E 79 -2.92 18.89 17.60
CA TYR E 79 -1.58 19.36 17.27
C TYR E 79 -1.37 19.16 15.79
N LEU E 80 -0.43 19.91 15.23
CA LEU E 80 -0.10 19.79 13.80
C LEU E 80 1.41 19.85 13.62
N GLN E 81 2.04 18.72 13.30
CA GLN E 81 3.47 18.72 13.06
C GLN E 81 3.73 18.99 11.57
N MET E 82 4.38 20.13 11.28
CA MET E 82 4.69 20.55 9.91
C MET E 82 6.16 20.29 9.60
N ASN E 83 6.42 19.46 8.60
CA ASN E 83 7.78 19.11 8.18
C ASN E 83 8.03 19.68 6.79
N SER E 84 9.25 20.20 6.57
CA SER E 84 9.72 20.55 5.23
C SER E 84 8.90 21.69 4.63
N LEU E 85 8.81 22.80 5.36
CA LEU E 85 8.06 23.95 4.86
C LEU E 85 8.80 24.62 3.70
N SER E 86 8.04 25.11 2.72
CA SER E 86 8.58 25.95 1.66
C SER E 86 8.31 27.40 1.98
N VAL E 87 8.99 28.29 1.27
CA VAL E 87 8.53 29.67 1.21
C VAL E 87 7.06 29.69 0.85
N GLU E 88 6.64 28.73 0.01
CA GLU E 88 5.28 28.59 -0.48
C GLU E 88 4.28 28.31 0.62
N ASP E 89 4.73 27.99 1.83
CA ASP E 89 3.81 27.67 2.91
C ASP E 89 3.57 28.82 3.86
N THR E 90 4.24 29.95 3.67
CA THR E 90 3.94 31.13 4.46
C THR E 90 2.47 31.46 4.35
N ALA E 91 1.83 31.75 5.49
CA ALA E 91 0.44 32.20 5.50
C ALA E 91 -0.02 32.43 6.93
N VAL E 92 -1.19 33.00 7.06
CA VAL E 92 -1.90 33.00 8.33
C VAL E 92 -2.61 31.67 8.46
N TYR E 93 -2.38 30.96 9.54
CA TYR E 93 -2.94 29.63 9.76
C TYR E 93 -4.05 29.68 10.81
N TYR E 94 -5.30 29.59 10.38
CA TYR E 94 -6.45 29.70 11.28
C TYR E 94 -6.85 28.32 11.77
N CYS E 95 -7.01 28.18 13.07
CA CYS E 95 -7.59 26.96 13.61
C CYS E 95 -9.10 26.97 13.39
N LYS E 96 -9.67 25.79 13.16
CA LYS E 96 -11.12 25.78 12.99
C LYS E 96 -11.70 24.51 13.58
N GLN E 97 -12.95 24.62 14.00
CA GLN E 97 -13.65 23.53 14.64
C GLN E 97 -15.06 23.62 14.12
N THR E 98 -15.64 22.49 13.75
CA THR E 98 -17.06 22.49 13.41
C THR E 98 -17.79 21.39 14.15
N GLN E 99 -19.07 21.65 14.36
CA GLN E 99 -19.93 20.71 15.03
C GLN E 99 -21.32 21.24 14.81
N LEU E 100 -22.28 20.31 14.76
CA LEU E 100 -23.67 20.66 14.52
C LEU E 100 -23.85 21.60 13.32
N GLY E 101 -22.89 21.60 12.39
CA GLY E 101 -22.92 22.49 11.25
C GLY E 101 -22.27 23.85 11.46
N TYR E 102 -22.07 24.27 12.69
CA TYR E 102 -21.56 25.59 12.96
C TYR E 102 -20.03 25.61 12.88
N ASP E 103 -19.49 26.71 12.34
CA ASP E 103 -18.05 26.89 12.16
C ASP E 103 -17.52 27.78 13.26
N TYR E 104 -16.36 27.44 13.79
CA TYR E 104 -15.70 28.23 14.83
C TYR E 104 -14.26 28.44 14.46
N TRP E 105 -13.82 29.71 14.46
CA TRP E 105 -12.56 30.15 13.89
C TRP E 105 -11.63 30.76 14.93
N GLY E 106 -10.34 30.40 14.85
CA GLY E 106 -9.33 30.97 15.71
C GLY E 106 -8.85 32.33 15.23
N GLN E 107 -8.00 32.96 16.05
CA GLN E 107 -7.40 34.26 15.79
C GLN E 107 -6.75 34.33 14.42
N GLY E 108 -6.10 33.25 14.05
CA GLY E 108 -5.02 33.30 13.11
C GLY E 108 -3.73 33.28 13.89
N THR E 109 -2.83 32.35 13.60
CA THR E 109 -1.44 32.44 14.00
C THR E 109 -0.57 32.53 12.74
N GLN E 110 0.27 33.56 12.68
CA GLN E 110 1.12 33.75 11.51
C GLN E 110 2.18 32.67 11.46
N VAL E 111 2.47 32.22 10.25
CA VAL E 111 3.63 31.38 9.96
C VAL E 111 4.41 32.10 8.88
N THR E 112 5.68 32.34 9.12
CA THR E 112 6.54 32.99 8.14
C THR E 112 7.77 32.14 7.88
N VAL E 113 8.09 31.95 6.59
CA VAL E 113 9.11 31.03 6.08
C VAL E 113 10.04 31.81 5.15
N SER E 114 11.35 31.67 5.35
CA SER E 114 12.33 32.45 4.58
C SER E 114 13.28 31.52 3.82
N SER E 115 14.43 32.07 3.43
CA SER E 115 15.48 31.20 2.83
C SER E 115 16.85 31.70 3.31
N GLU F 93 -21.55 5.47 19.69
CA GLU F 93 -20.20 4.97 19.34
C GLU F 93 -20.33 3.65 18.61
N GLU F 94 -21.47 3.44 17.94
CA GLU F 94 -21.62 2.21 17.11
C GLU F 94 -22.87 2.31 16.25
N GLY F 95 -22.76 2.83 15.04
CA GLY F 95 -23.95 2.77 14.17
C GLY F 95 -24.53 4.02 13.56
N LEU F 96 -24.38 4.19 12.24
CA LEU F 96 -25.13 5.23 11.53
C LEU F 96 -26.36 4.46 11.08
N PRO F 97 -27.56 4.79 11.58
CA PRO F 97 -28.74 3.99 11.28
C PRO F 97 -29.16 3.99 9.80
N LEU F 98 -29.44 2.80 9.24
CA LEU F 98 -29.83 2.66 7.81
C LEU F 98 -31.34 2.58 7.69
N VAL F 99 -31.95 3.56 7.03
CA VAL F 99 -33.43 3.59 6.89
C VAL F 99 -33.80 3.42 5.43
N GLY F 100 -34.86 2.65 5.18
CA GLY F 100 -35.32 2.42 3.81
C GLY F 100 -36.78 2.76 3.66
N ARG F 101 -37.57 1.83 3.12
CA ARG F 101 -38.99 2.12 2.88
C ARG F 101 -39.65 2.47 4.21
N VAL F 102 -40.19 3.69 4.30
CA VAL F 102 -40.89 4.12 5.54
C VAL F 102 -42.37 3.81 5.37
N ALA F 103 -43.04 3.49 6.47
CA ALA F 103 -44.49 3.29 6.40
C ALA F 103 -45.17 4.59 6.77
N ALA F 104 -46.47 4.67 6.48
CA ALA F 104 -47.21 5.88 6.82
C ALA F 104 -47.38 5.92 8.33
N GLY F 105 -47.51 7.11 8.89
CA GLY F 105 -47.75 7.22 10.35
C GLY F 105 -46.63 6.59 11.12
N GLU F 106 -45.58 6.20 10.40
CA GLU F 106 -44.42 5.55 11.04
C GLU F 106 -43.28 6.54 11.07
N PRO F 107 -42.75 6.90 12.26
CA PRO F 107 -41.59 7.73 12.31
C PRO F 107 -40.53 7.10 11.41
N LEU F 108 -39.76 7.92 10.68
CA LEU F 108 -38.70 7.42 9.77
C LEU F 108 -37.64 6.66 10.56
N LEU F 109 -37.30 7.14 11.74
CA LEU F 109 -36.22 6.51 12.55
C LEU F 109 -36.85 5.64 13.63
N ALA F 110 -37.83 4.84 13.26
CA ALA F 110 -38.46 3.88 14.19
C ALA F 110 -37.77 2.53 14.04
N GLN F 111 -37.59 1.81 15.14
CA GLN F 111 -36.84 0.54 15.08
C GLN F 111 -37.31 -0.30 13.90
N GLN F 112 -38.61 -0.37 13.68
CA GLN F 112 -39.13 -1.26 12.61
C GLN F 112 -38.64 -0.80 11.25
N HIS F 113 -37.90 0.30 11.20
CA HIS F 113 -37.49 0.90 9.91
C HIS F 113 -35.97 0.87 9.80
N ILE F 114 -35.29 0.72 10.93
CA ILE F 114 -33.81 0.70 10.92
C ILE F 114 -33.37 -0.66 10.39
N GLU F 115 -32.95 -0.69 9.13
CA GLU F 115 -32.57 -1.96 8.48
C GLU F 115 -31.06 -2.19 8.63
N GLY F 116 -30.40 -1.46 9.51
CA GLY F 116 -28.94 -1.64 9.58
C GLY F 116 -28.20 -0.54 10.30
N HIS F 117 -26.99 -0.84 10.74
CA HIS F 117 -26.12 0.18 11.37
C HIS F 117 -24.74 0.09 10.70
N TYR F 118 -24.38 1.09 9.91
CA TYR F 118 -23.09 1.09 9.17
C TYR F 118 -22.03 1.85 9.96
N GLN F 119 -20.90 1.20 10.20
CA GLN F 119 -19.79 1.84 10.95
C GLN F 119 -19.09 2.83 10.03
N VAL F 120 -19.59 4.06 9.99
CA VAL F 120 -19.01 5.12 9.13
C VAL F 120 -18.81 6.36 9.99
N ASP F 121 -17.57 6.85 10.11
CA ASP F 121 -17.35 8.14 10.81
C ASP F 121 -18.41 9.14 10.35
N PRO F 122 -19.35 9.58 11.22
CA PRO F 122 -20.40 10.51 10.83
C PRO F 122 -19.78 11.88 10.52
N SER F 123 -18.83 12.32 11.34
CA SER F 123 -18.17 13.64 11.13
C SER F 123 -17.57 13.71 9.74
N LEU F 124 -17.48 12.58 9.03
CA LEU F 124 -16.97 12.60 7.67
C LEU F 124 -17.90 13.41 6.78
N PHE F 125 -18.98 13.92 7.37
CA PHE F 125 -19.95 14.73 6.67
C PHE F 125 -20.17 16.03 7.45
N LYS F 126 -20.64 17.05 6.76
CA LYS F 126 -20.81 18.30 7.46
C LYS F 126 -22.11 18.90 6.97
N PRO F 127 -23.06 19.15 7.87
CA PRO F 127 -22.96 18.72 9.27
C PRO F 127 -23.02 17.19 9.40
N ASN F 128 -22.68 16.68 10.59
CA ASN F 128 -22.60 15.23 10.85
C ASN F 128 -23.82 14.49 10.33
N ALA F 129 -23.62 13.25 9.90
CA ALA F 129 -24.70 12.41 9.41
C ALA F 129 -25.39 11.70 10.57
N ASP F 130 -26.68 11.93 10.72
CA ASP F 130 -27.40 11.24 11.76
C ASP F 130 -27.92 9.88 11.31
N PHE F 131 -28.08 9.67 10.00
CA PHE F 131 -28.55 8.37 9.53
C PHE F 131 -28.36 8.29 8.01
N LEU F 132 -28.62 7.11 7.48
CA LEU F 132 -28.49 6.84 6.07
C LEU F 132 -29.84 6.40 5.55
N LEU F 133 -30.25 6.95 4.41
CA LEU F 133 -31.58 6.73 3.84
C LEU F 133 -31.46 6.24 2.41
N ARG F 134 -31.97 5.04 2.15
CA ARG F 134 -31.92 4.49 0.80
C ARG F 134 -32.85 5.27 -0.11
N VAL F 135 -32.36 5.62 -1.30
CA VAL F 135 -33.09 6.49 -2.21
C VAL F 135 -33.96 5.67 -3.16
N SER F 136 -35.19 6.16 -3.41
CA SER F 136 -36.12 5.51 -4.33
C SER F 136 -36.11 6.26 -5.66
N GLY F 137 -35.68 5.58 -6.71
CA GLY F 137 -35.80 6.12 -8.05
C GLY F 137 -34.72 7.13 -8.40
N MET F 138 -34.75 7.53 -9.67
CA MET F 138 -33.65 8.30 -10.23
C MET F 138 -34.00 9.78 -10.37
N SER F 139 -34.84 10.32 -9.48
CA SER F 139 -35.19 11.72 -9.65
C SER F 139 -34.01 12.65 -9.42
N MET F 140 -32.91 12.13 -8.91
CA MET F 140 -31.77 12.96 -8.58
C MET F 140 -30.49 12.41 -9.21
N LYS F 141 -30.63 11.76 -10.37
CA LYS F 141 -29.49 11.17 -11.05
C LYS F 141 -28.51 12.23 -11.55
N ASP F 142 -28.94 13.50 -11.69
CA ASP F 142 -28.10 14.53 -12.29
C ASP F 142 -27.14 15.17 -11.30
N ILE F 143 -27.25 14.86 -10.02
CA ILE F 143 -26.20 15.22 -9.08
C ILE F 143 -25.58 13.98 -8.48
N GLY F 144 -25.82 12.84 -9.14
CA GLY F 144 -25.26 11.56 -8.77
C GLY F 144 -25.98 10.77 -7.69
N ILE F 145 -27.24 11.08 -7.40
CA ILE F 145 -28.04 10.36 -6.38
C ILE F 145 -28.93 9.36 -7.10
N MET F 146 -28.38 8.17 -7.32
CA MET F 146 -29.04 7.10 -8.06
C MET F 146 -29.90 6.25 -7.14
N ASP F 147 -30.87 5.56 -7.74
CA ASP F 147 -31.68 4.61 -6.98
C ASP F 147 -30.77 3.63 -6.26
N GLY F 148 -31.19 3.21 -5.07
CA GLY F 148 -30.41 2.30 -4.28
C GLY F 148 -29.37 2.96 -3.40
N ASP F 149 -28.98 4.19 -3.74
CA ASP F 149 -27.93 4.88 -2.99
C ASP F 149 -28.38 5.13 -1.57
N LEU F 150 -27.39 5.28 -0.70
CA LEU F 150 -27.64 5.56 0.71
C LEU F 150 -27.26 7.01 0.94
N LEU F 151 -28.28 7.84 1.17
CA LEU F 151 -28.11 9.25 1.43
C LEU F 151 -27.78 9.45 2.91
N ALA F 152 -26.71 10.19 3.17
CA ALA F 152 -26.41 10.63 4.53
C ALA F 152 -27.26 11.85 4.83
N VAL F 153 -28.14 11.74 5.82
CA VAL F 153 -29.01 12.83 6.25
C VAL F 153 -28.54 13.34 7.59
N HIS F 154 -28.33 14.64 7.68
CA HIS F 154 -28.22 15.28 8.98
C HIS F 154 -29.63 15.58 9.48
N LYS F 155 -29.96 15.14 10.68
CA LYS F 155 -31.28 15.44 11.20
C LYS F 155 -31.33 16.91 11.59
N THR F 156 -32.33 17.61 11.09
CA THR F 156 -32.55 19.01 11.39
C THR F 156 -33.84 19.41 10.71
N GLN F 157 -34.48 20.45 11.24
CA GLN F 157 -35.64 21.04 10.61
C GLN F 157 -35.32 22.36 9.93
N ASP F 158 -34.09 22.84 10.05
CA ASP F 158 -33.71 24.15 9.52
C ASP F 158 -32.88 23.97 8.25
N VAL F 159 -33.54 24.03 7.10
CA VAL F 159 -32.94 23.79 5.81
C VAL F 159 -33.32 24.94 4.89
N ARG F 160 -32.33 25.57 4.29
CA ARG F 160 -32.65 26.80 3.59
C ARG F 160 -32.94 26.48 2.12
N ASN F 161 -33.67 27.39 1.49
CA ASN F 161 -34.05 27.22 0.08
C ASN F 161 -32.83 26.90 -0.77
N GLY F 162 -32.99 25.98 -1.73
CA GLY F 162 -31.87 25.54 -2.55
C GLY F 162 -31.02 24.40 -2.00
N GLN F 163 -31.29 23.90 -0.83
CA GLN F 163 -30.54 22.72 -0.42
C GLN F 163 -31.31 21.43 -0.77
N VAL F 164 -30.57 20.33 -0.81
CA VAL F 164 -31.20 19.02 -0.97
C VAL F 164 -31.74 18.58 0.39
N VAL F 165 -33.06 18.50 0.50
CA VAL F 165 -33.70 18.09 1.75
C VAL F 165 -34.32 16.73 1.56
N VAL F 166 -34.54 16.08 2.68
CA VAL F 166 -35.47 14.97 2.80
C VAL F 166 -36.76 15.50 3.40
N ALA F 167 -37.88 15.15 2.79
CA ALA F 167 -39.14 15.70 3.25
C ALA F 167 -40.17 14.59 3.33
N ARG F 168 -41.15 14.79 4.22
CA ARG F 168 -42.27 13.89 4.38
C ARG F 168 -43.54 14.67 4.01
N ILE F 169 -44.11 14.36 2.84
CA ILE F 169 -45.30 15.03 2.31
C ILE F 169 -46.50 14.11 2.45
N ASP F 170 -47.26 14.25 3.55
CA ASP F 170 -48.41 13.36 3.81
C ASP F 170 -47.96 11.91 3.82
N ASP F 171 -47.18 11.55 4.83
CA ASP F 171 -46.75 10.16 5.01
C ASP F 171 -45.89 9.63 3.86
N GLU F 172 -45.27 10.50 3.07
CA GLU F 172 -44.45 10.06 1.94
C GLU F 172 -43.10 10.74 2.02
N VAL F 173 -42.03 9.94 2.07
CA VAL F 173 -40.69 10.51 2.05
C VAL F 173 -40.28 10.82 0.62
N THR F 174 -39.47 11.86 0.45
CA THR F 174 -38.92 12.23 -0.84
C THR F 174 -37.61 12.99 -0.63
N VAL F 175 -36.68 12.85 -1.57
CA VAL F 175 -35.38 13.53 -1.52
C VAL F 175 -35.33 14.48 -2.70
N LYS F 176 -35.46 15.78 -2.43
CA LYS F 176 -35.54 16.76 -3.51
C LYS F 176 -34.80 18.03 -3.11
N ARG F 177 -34.65 18.94 -4.08
CA ARG F 177 -34.11 20.28 -3.83
C ARG F 177 -35.26 21.19 -3.47
N LEU F 178 -35.04 22.04 -2.46
CA LEU F 178 -36.16 22.81 -1.85
C LEU F 178 -36.24 24.27 -2.26
N LYS F 179 -37.46 24.72 -2.54
CA LYS F 179 -37.72 26.14 -2.84
C LYS F 179 -39.02 26.48 -2.12
N LYS F 180 -38.90 26.86 -0.85
CA LYS F 180 -40.10 27.17 -0.05
C LYS F 180 -40.30 28.68 -0.03
N GLN F 181 -41.42 29.15 -0.57
CA GLN F 181 -41.74 30.58 -0.49
C GLN F 181 -43.10 30.66 0.19
N GLY F 182 -43.10 30.75 1.51
CA GLY F 182 -44.37 30.80 2.26
C GLY F 182 -45.05 29.46 2.38
N ASN F 183 -46.32 29.40 2.02
CA ASN F 183 -47.10 28.14 2.15
C ASN F 183 -46.96 27.32 0.86
N LYS F 184 -46.21 27.82 -0.13
CA LYS F 184 -45.96 26.97 -1.30
C LYS F 184 -44.54 26.43 -1.15
N VAL F 185 -44.41 25.11 -1.04
CA VAL F 185 -43.12 24.45 -1.02
C VAL F 185 -42.89 23.81 -2.37
N GLU F 186 -41.73 24.08 -2.95
CA GLU F 186 -41.38 23.62 -4.29
C GLU F 186 -40.26 22.60 -4.13
N LEU F 187 -40.52 21.35 -4.48
CA LEU F 187 -39.52 20.30 -4.41
C LEU F 187 -39.14 19.95 -5.85
N LEU F 188 -38.01 20.52 -6.31
CA LEU F 188 -37.51 20.26 -7.65
C LEU F 188 -36.60 19.05 -7.63
N PRO F 189 -36.62 18.28 -8.69
CA PRO F 189 -35.66 17.19 -8.82
C PRO F 189 -34.33 17.61 -9.44
N GLU F 190 -33.60 16.59 -9.88
CA GLU F 190 -32.33 16.78 -10.62
C GLU F 190 -32.39 15.71 -11.72
N ASN F 191 -33.49 15.68 -12.48
CA ASN F 191 -33.70 14.72 -13.59
C ASN F 191 -34.81 15.30 -14.45
N SER F 192 -34.47 15.89 -15.59
CA SER F 192 -35.46 16.57 -16.45
C SER F 192 -36.69 15.69 -16.75
N GLU F 193 -36.56 14.37 -16.65
CA GLU F 193 -37.70 13.49 -17.01
C GLU F 193 -38.73 13.55 -15.88
N PHE F 194 -38.33 14.08 -14.74
CA PHE F 194 -39.23 14.20 -13.58
C PHE F 194 -39.72 15.64 -13.52
N LYS F 195 -40.84 15.85 -12.84
CA LYS F 195 -41.44 17.20 -12.80
C LYS F 195 -41.44 17.69 -11.36
N PRO F 196 -41.25 18.99 -11.12
CA PRO F 196 -41.33 19.53 -9.76
C PRO F 196 -42.56 19.14 -8.96
N ILE F 197 -42.34 18.66 -7.75
CA ILE F 197 -43.42 18.60 -6.78
C ILE F 197 -43.62 20.01 -6.22
N VAL F 198 -44.87 20.45 -6.22
CA VAL F 198 -45.28 21.62 -5.44
C VAL F 198 -46.32 21.13 -4.46
N VAL F 199 -46.05 21.34 -3.18
CA VAL F 199 -46.98 21.06 -2.11
C VAL F 199 -47.31 22.38 -1.45
N ASP F 200 -48.60 22.58 -1.14
CA ASP F 200 -49.07 23.74 -0.40
C ASP F 200 -49.36 23.31 1.03
N LEU F 201 -48.78 24.02 2.00
CA LEU F 201 -48.85 23.66 3.41
C LEU F 201 -50.27 23.64 3.97
N ARG F 202 -51.26 24.05 3.18
CA ARG F 202 -52.65 24.10 3.64
C ARG F 202 -53.49 22.93 3.14
N GLN F 203 -53.00 22.16 2.16
CA GLN F 203 -53.61 20.90 1.74
C GLN F 203 -52.86 19.69 2.26
N GLN F 204 -51.54 19.66 2.11
CA GLN F 204 -50.69 18.55 2.53
C GLN F 204 -49.93 18.92 3.80
N SER F 205 -49.62 17.92 4.62
CA SER F 205 -48.79 18.09 5.80
C SER F 205 -47.35 17.79 5.42
N PHE F 206 -46.44 18.63 5.91
CA PHE F 206 -45.10 18.69 5.37
C PHE F 206 -44.09 18.82 6.51
N THR F 207 -43.15 17.90 6.58
CA THR F 207 -42.12 17.99 7.59
C THR F 207 -40.73 17.82 6.97
N ILE F 208 -39.81 18.69 7.35
CA ILE F 208 -38.42 18.48 6.96
C ILE F 208 -37.83 17.36 7.78
N GLU F 209 -37.34 16.31 7.13
CA GLU F 209 -36.69 15.26 7.86
C GLU F 209 -35.19 15.48 7.97
N GLY F 210 -34.62 16.43 7.24
CA GLY F 210 -33.21 16.63 7.35
C GLY F 210 -32.52 16.98 6.06
N LEU F 211 -31.30 17.49 6.20
CA LEU F 211 -30.52 17.98 5.08
C LEU F 211 -29.59 16.87 4.63
N ALA F 212 -29.60 16.58 3.34
CA ALA F 212 -28.70 15.60 2.75
C ALA F 212 -27.27 16.13 2.72
N VAL F 213 -26.33 15.39 3.32
CA VAL F 213 -24.96 15.87 3.55
C VAL F 213 -23.92 15.06 2.79
N GLY F 214 -24.33 13.98 2.15
CA GLY F 214 -23.43 13.22 1.30
C GLY F 214 -24.15 12.00 0.76
N VAL F 215 -23.41 11.12 0.09
CA VAL F 215 -24.02 9.82 -0.17
C VAL F 215 -22.96 8.71 -0.13
N ILE F 216 -23.36 7.57 0.43
CA ILE F 216 -22.59 6.34 0.37
C ILE F 216 -23.29 5.42 -0.60
N ARG F 217 -22.55 4.92 -1.58
CA ARG F 217 -23.07 3.94 -2.52
C ARG F 217 -22.13 2.76 -2.44
N ASN F 218 -22.62 1.69 -1.81
CA ASN F 218 -21.85 0.48 -1.57
C ASN F 218 -22.57 -0.79 -1.97
N GLY F 219 -23.89 -0.74 -2.15
CA GLY F 219 -24.57 -1.94 -2.59
C GLY F 219 -24.65 -3.03 -1.53
N ASP F 220 -24.85 -4.25 -2.04
CA ASP F 220 -24.95 -5.46 -1.21
C ASP F 220 -23.58 -6.06 -0.94
N TRP F 221 -23.21 -6.16 0.33
CA TRP F 221 -21.86 -6.56 0.69
C TRP F 221 -21.79 -7.92 1.39
N LEU F 222 -22.88 -8.67 1.45
CA LEU F 222 -22.80 -10.05 1.92
C LEU F 222 -23.47 -10.97 0.92
N GLU G 92 -9.68 3.12 15.55
CA GLU G 92 -9.74 4.58 15.85
C GLU G 92 -8.40 5.22 15.50
N GLU G 93 -7.53 4.47 14.84
CA GLU G 93 -6.20 4.98 14.46
C GLU G 93 -5.91 4.76 12.98
N GLU G 94 -6.17 3.56 12.42
CA GLU G 94 -5.76 3.27 11.01
C GLU G 94 -6.99 3.05 10.13
N GLY G 95 -7.24 3.97 9.20
CA GLY G 95 -8.46 3.89 8.37
C GLY G 95 -8.21 3.73 6.90
N LEU G 96 -9.19 4.05 6.07
CA LEU G 96 -9.09 3.80 4.61
C LEU G 96 -8.31 4.95 4.00
N PRO G 97 -7.19 4.66 3.33
CA PRO G 97 -6.34 5.71 2.79
C PRO G 97 -7.08 6.53 1.73
N LEU G 98 -6.92 7.85 1.77
CA LEU G 98 -7.54 8.71 0.77
C LEU G 98 -6.48 9.19 -0.20
N VAL G 99 -6.62 8.81 -1.47
CA VAL G 99 -5.56 9.16 -2.44
C VAL G 99 -6.08 10.31 -3.28
N GLY G 100 -5.20 11.23 -3.62
CA GLY G 100 -5.60 12.35 -4.47
C GLY G 100 -5.02 12.22 -5.86
N ARG G 101 -4.39 13.27 -6.34
CA ARG G 101 -3.74 13.22 -7.67
C ARG G 101 -2.43 12.44 -7.53
N VAL G 102 -2.17 11.52 -8.46
CA VAL G 102 -0.98 10.65 -8.34
C VAL G 102 0.09 11.06 -9.34
N ALA G 103 1.35 11.03 -8.92
CA ALA G 103 2.46 11.38 -9.81
C ALA G 103 2.83 10.20 -10.69
N ALA G 104 3.54 10.46 -11.80
CA ALA G 104 3.99 9.36 -12.62
C ALA G 104 5.10 8.61 -11.91
N GLY G 105 5.16 7.30 -12.15
CA GLY G 105 6.18 6.48 -11.55
C GLY G 105 6.04 6.33 -10.07
N GLU G 106 4.95 6.84 -9.55
CA GLU G 106 4.73 6.75 -8.09
C GLU G 106 3.57 5.80 -7.84
N PRO G 107 3.73 4.74 -7.03
CA PRO G 107 2.61 3.92 -6.64
C PRO G 107 1.45 4.81 -6.16
N LEU G 108 0.22 4.48 -6.54
CA LEU G 108 -0.97 5.27 -6.16
C LEU G 108 -0.98 5.49 -4.65
N LEU G 109 -0.61 4.48 -3.88
CA LEU G 109 -0.67 4.60 -2.40
C LEU G 109 0.71 4.96 -1.87
N ALA G 110 1.39 5.86 -2.57
CA ALA G 110 2.67 6.37 -2.06
C ALA G 110 2.32 7.52 -1.12
N GLN G 111 2.91 7.54 0.07
CA GLN G 111 2.54 8.55 1.09
C GLN G 111 2.28 9.89 0.43
N GLN G 112 3.16 10.32 -0.46
CA GLN G 112 3.03 11.65 -1.08
C GLN G 112 1.61 11.84 -1.63
N HIS G 113 0.95 10.76 -1.98
CA HIS G 113 -0.44 10.82 -2.51
C HIS G 113 -1.44 10.70 -1.37
N ILE G 114 -1.08 10.00 -0.30
CA ILE G 114 -2.05 9.74 0.80
C ILE G 114 -2.34 11.05 1.54
N GLU G 115 -3.57 11.55 1.42
CA GLU G 115 -3.99 12.80 2.05
C GLU G 115 -5.14 12.58 3.04
N GLY G 116 -5.10 11.48 3.75
CA GLY G 116 -6.00 11.32 4.87
C GLY G 116 -6.48 9.91 4.96
N HIS G 117 -6.90 9.54 6.16
CA HIS G 117 -7.50 8.24 6.37
C HIS G 117 -8.91 8.43 6.94
N TYR G 118 -9.87 7.79 6.30
CA TYR G 118 -11.29 7.85 6.69
C TYR G 118 -11.68 6.59 7.45
N GLN G 119 -12.52 6.76 8.46
CA GLN G 119 -12.93 5.64 9.28
C GLN G 119 -14.27 5.16 8.77
N VAL G 120 -14.20 4.35 7.73
CA VAL G 120 -15.32 3.63 7.16
C VAL G 120 -15.03 2.13 7.24
N ASP G 121 -15.98 1.36 7.74
CA ASP G 121 -15.87 -0.09 7.80
C ASP G 121 -15.57 -0.57 6.38
N PRO G 122 -14.45 -1.25 6.14
CA PRO G 122 -14.09 -1.53 4.75
C PRO G 122 -14.93 -2.61 4.11
N SER G 123 -15.49 -3.54 4.89
CA SER G 123 -16.29 -4.64 4.35
C SER G 123 -17.75 -4.25 4.14
N LEU G 124 -18.06 -2.96 4.31
CA LEU G 124 -19.26 -2.39 3.70
C LEU G 124 -19.20 -2.38 2.19
N PHE G 125 -18.09 -2.82 1.62
CA PHE G 125 -17.99 -2.99 0.19
C PHE G 125 -17.55 -4.42 -0.08
N LYS G 126 -17.98 -4.93 -1.22
CA LYS G 126 -17.66 -6.29 -1.63
C LYS G 126 -17.05 -6.19 -3.02
N PRO G 127 -15.77 -6.54 -3.20
CA PRO G 127 -14.84 -6.87 -2.11
C PRO G 127 -14.45 -5.65 -1.26
N ASN G 128 -13.65 -5.86 -0.21
CA ASN G 128 -13.35 -4.79 0.74
C ASN G 128 -12.77 -3.57 0.05
N ALA G 129 -13.28 -2.39 0.41
CA ALA G 129 -12.57 -1.17 0.08
C ALA G 129 -11.14 -1.26 0.62
N ASP G 130 -10.20 -0.66 -0.12
CA ASP G 130 -8.77 -0.75 0.21
C ASP G 130 -8.19 0.65 0.27
N PHE G 131 -8.62 1.53 -0.65
CA PHE G 131 -8.41 2.96 -0.53
C PHE G 131 -9.61 3.66 -1.11
N LEU G 132 -9.74 4.94 -0.76
CA LEU G 132 -10.67 5.87 -1.37
C LEU G 132 -9.87 6.73 -2.30
N LEU G 133 -10.37 6.92 -3.52
CA LEU G 133 -9.67 7.60 -4.59
C LEU G 133 -10.53 8.75 -5.12
N ARG G 134 -10.00 9.98 -5.11
CA ARG G 134 -10.82 11.11 -5.57
C ARG G 134 -10.97 11.07 -7.09
N VAL G 135 -12.23 11.07 -7.55
CA VAL G 135 -12.56 11.10 -8.98
C VAL G 135 -12.30 12.50 -9.52
N SER G 136 -11.90 12.54 -10.79
CA SER G 136 -11.49 13.78 -11.45
C SER G 136 -12.12 13.84 -12.83
N GLY G 137 -13.19 14.63 -12.96
CA GLY G 137 -13.93 14.75 -14.20
C GLY G 137 -15.35 14.27 -14.04
N MET G 138 -16.14 14.57 -15.05
CA MET G 138 -17.49 14.02 -15.13
C MET G 138 -17.56 12.84 -16.09
N SER G 139 -16.43 12.17 -16.35
CA SER G 139 -16.36 11.16 -17.40
C SER G 139 -17.24 9.96 -17.10
N MET G 140 -17.73 9.80 -15.86
CA MET G 140 -18.58 8.68 -15.49
C MET G 140 -19.85 9.15 -14.78
N LYS G 141 -20.47 10.24 -15.24
CA LYS G 141 -21.55 10.84 -14.46
C LYS G 141 -22.87 10.08 -14.63
N ASP G 142 -23.09 9.42 -15.78
CA ASP G 142 -24.33 8.68 -16.00
C ASP G 142 -24.53 7.51 -15.03
N ILE G 143 -23.62 7.23 -14.10
CA ILE G 143 -23.87 6.15 -13.16
C ILE G 143 -23.66 6.63 -11.74
N GLY G 144 -23.71 7.96 -11.56
CA GLY G 144 -23.63 8.57 -10.25
C GLY G 144 -22.23 8.81 -9.71
N ILE G 145 -21.21 8.80 -10.55
CA ILE G 145 -19.84 9.02 -10.13
C ILE G 145 -19.48 10.43 -10.57
N MET G 146 -19.38 11.36 -9.63
CA MET G 146 -19.27 12.76 -9.97
C MET G 146 -17.84 13.25 -9.75
N ASP G 147 -17.56 14.46 -10.24
CA ASP G 147 -16.29 15.09 -9.92
C ASP G 147 -16.21 15.35 -8.43
N GLY G 148 -15.06 15.06 -7.85
CA GLY G 148 -14.86 15.24 -6.42
C GLY G 148 -15.29 14.06 -5.58
N ASP G 149 -15.83 13.02 -6.21
CA ASP G 149 -16.35 11.86 -5.45
C ASP G 149 -15.19 10.98 -5.03
N LEU G 150 -15.43 10.17 -4.01
CA LEU G 150 -14.37 9.27 -3.50
C LEU G 150 -14.71 7.85 -3.92
N LEU G 151 -13.91 7.30 -4.82
CA LEU G 151 -14.15 5.94 -5.32
C LEU G 151 -13.63 4.91 -4.33
N ALA G 152 -14.53 4.15 -3.74
CA ALA G 152 -14.09 3.03 -2.93
C ALA G 152 -13.48 1.97 -3.84
N VAL G 153 -12.19 1.69 -3.64
CA VAL G 153 -11.42 0.82 -4.53
C VAL G 153 -10.91 -0.39 -3.74
N HIS G 154 -11.26 -1.57 -4.22
CA HIS G 154 -10.58 -2.79 -3.81
C HIS G 154 -9.37 -3.03 -4.71
N LYS G 155 -8.21 -3.21 -4.11
CA LYS G 155 -6.95 -3.32 -4.85
C LYS G 155 -6.81 -4.73 -5.41
N THR G 156 -6.72 -4.82 -6.73
CA THR G 156 -6.56 -6.07 -7.43
C THR G 156 -6.27 -5.76 -8.88
N GLN G 157 -5.72 -6.76 -9.57
CA GLN G 157 -5.62 -6.77 -11.02
C GLN G 157 -6.52 -7.78 -11.67
N ASP G 158 -7.32 -8.52 -10.87
CA ASP G 158 -8.29 -9.47 -11.43
C ASP G 158 -9.64 -8.79 -11.54
N VAL G 159 -9.93 -8.27 -12.72
CA VAL G 159 -11.19 -7.59 -12.93
C VAL G 159 -11.79 -8.10 -14.22
N ARG G 160 -12.87 -8.87 -14.10
CA ARG G 160 -13.55 -9.34 -15.30
C ARG G 160 -14.23 -8.17 -16.01
N ASN G 161 -14.23 -8.28 -17.33
CA ASN G 161 -14.61 -7.21 -18.22
C ASN G 161 -16.07 -6.84 -18.01
N GLY G 162 -16.36 -5.54 -18.01
CA GLY G 162 -17.67 -5.04 -17.66
C GLY G 162 -17.65 -4.10 -16.46
N GLN G 163 -16.84 -4.46 -15.48
CA GLN G 163 -16.78 -3.69 -14.24
C GLN G 163 -16.06 -2.36 -14.43
N VAL G 164 -16.43 -1.41 -13.57
CA VAL G 164 -15.68 -0.18 -13.45
C VAL G 164 -14.34 -0.46 -12.78
N VAL G 165 -13.25 0.04 -13.39
CA VAL G 165 -11.91 -0.14 -12.88
C VAL G 165 -11.25 1.21 -12.69
N VAL G 166 -10.30 1.24 -11.77
CA VAL G 166 -9.26 2.24 -11.70
C VAL G 166 -8.08 1.73 -12.53
N ALA G 167 -7.70 2.49 -13.55
CA ALA G 167 -6.65 2.05 -14.45
C ALA G 167 -5.65 3.18 -14.64
N ARG G 168 -4.38 2.79 -14.74
CA ARG G 168 -3.31 3.70 -15.08
C ARG G 168 -2.91 3.42 -16.51
N ILE G 169 -2.86 4.46 -17.34
CA ILE G 169 -2.54 4.31 -18.76
C ILE G 169 -1.47 5.35 -19.09
N ASP G 170 -0.23 4.90 -19.05
CA ASP G 170 0.91 5.79 -19.33
C ASP G 170 0.98 6.79 -18.18
N ASP G 171 0.86 6.28 -16.96
CA ASP G 171 1.01 7.14 -15.76
C ASP G 171 -0.16 8.10 -15.60
N GLU G 172 -1.25 7.92 -16.35
CA GLU G 172 -2.47 8.74 -16.13
C GLU G 172 -3.52 7.83 -15.51
N VAL G 173 -4.02 8.21 -14.34
CA VAL G 173 -5.04 7.38 -13.63
C VAL G 173 -6.41 7.80 -14.15
N THR G 174 -7.27 6.80 -14.38
CA THR G 174 -8.64 7.10 -14.83
C THR G 174 -9.63 6.08 -14.30
N VAL G 175 -10.87 6.52 -14.12
CA VAL G 175 -11.96 5.62 -13.77
C VAL G 175 -12.84 5.41 -14.99
N LYS G 176 -12.92 4.17 -15.46
CA LYS G 176 -13.72 3.87 -16.64
C LYS G 176 -14.25 2.44 -16.53
N ARG G 177 -14.95 2.02 -17.58
CA ARG G 177 -15.51 0.68 -17.70
C ARG G 177 -14.55 -0.16 -18.53
N LEU G 178 -14.22 -1.35 -18.05
CA LEU G 178 -13.24 -2.16 -18.75
C LEU G 178 -13.90 -2.91 -19.91
N LYS G 179 -13.24 -2.86 -21.06
CA LYS G 179 -13.67 -3.65 -22.24
C LYS G 179 -12.39 -4.32 -22.73
N LYS G 180 -12.14 -5.53 -22.26
CA LYS G 180 -10.85 -6.20 -22.58
C LYS G 180 -10.95 -6.94 -23.91
N GLN G 181 -9.92 -6.81 -24.74
CA GLN G 181 -9.93 -7.46 -26.07
C GLN G 181 -8.49 -7.76 -26.48
N GLY G 182 -8.04 -8.99 -26.19
CA GLY G 182 -6.68 -9.36 -26.59
C GLY G 182 -5.67 -8.35 -26.14
N ASN G 183 -5.03 -7.65 -27.08
CA ASN G 183 -3.93 -6.72 -26.71
C ASN G 183 -4.44 -5.29 -26.86
N LYS G 184 -5.61 -5.11 -27.48
CA LYS G 184 -6.20 -3.75 -27.59
C LYS G 184 -7.40 -3.66 -26.65
N VAL G 185 -7.19 -3.10 -25.47
CA VAL G 185 -8.29 -3.03 -24.47
C VAL G 185 -8.93 -1.64 -24.55
N GLU G 186 -10.21 -1.53 -24.18
CA GLU G 186 -10.93 -0.25 -24.26
C GLU G 186 -11.36 0.18 -22.87
N LEU G 187 -11.28 1.48 -22.59
CA LEU G 187 -11.79 1.99 -21.30
C LEU G 187 -13.01 2.82 -21.66
N LEU G 188 -14.20 2.37 -21.25
CA LEU G 188 -15.44 3.04 -21.71
C LEU G 188 -15.94 4.07 -20.70
N PRO G 189 -16.46 5.22 -21.16
CA PRO G 189 -17.00 6.25 -20.28
C PRO G 189 -18.49 6.10 -19.99
N GLU G 190 -18.99 6.80 -18.97
CA GLU G 190 -20.45 6.82 -18.69
C GLU G 190 -20.92 8.27 -18.88
N ASN G 191 -20.60 8.85 -20.04
CA ASN G 191 -20.97 10.24 -20.36
C ASN G 191 -20.95 10.37 -21.89
N SER G 192 -22.06 10.85 -22.46
CA SER G 192 -22.16 10.97 -23.93
C SER G 192 -21.08 11.89 -24.49
N GLU G 193 -20.74 12.95 -23.77
CA GLU G 193 -19.79 13.93 -24.34
C GLU G 193 -18.36 13.42 -24.13
N PHE G 194 -18.23 12.15 -23.74
CA PHE G 194 -16.88 11.56 -23.58
C PHE G 194 -16.72 10.42 -24.58
N LYS G 195 -15.52 10.31 -25.15
CA LYS G 195 -15.27 9.27 -26.17
C LYS G 195 -14.57 8.10 -25.51
N PRO G 196 -14.65 6.88 -26.09
CA PRO G 196 -13.95 5.74 -25.54
C PRO G 196 -12.44 5.92 -25.68
N ILE G 197 -11.67 5.33 -24.77
CA ILE G 197 -10.18 5.37 -24.89
C ILE G 197 -9.72 3.96 -25.24
N VAL G 198 -9.19 3.79 -26.45
CA VAL G 198 -8.66 2.46 -26.87
C VAL G 198 -7.18 2.39 -26.49
N VAL G 199 -6.72 1.27 -25.95
CA VAL G 199 -5.32 1.19 -25.47
C VAL G 199 -4.55 0.13 -26.24
N ASP G 200 -3.33 0.47 -26.68
CA ASP G 200 -2.47 -0.52 -27.38
C ASP G 200 -1.33 -0.92 -26.46
N LEU G 201 -1.39 -2.14 -25.94
CA LEU G 201 -0.39 -2.62 -24.96
C LEU G 201 0.98 -2.71 -25.63
N ARG G 202 1.06 -2.29 -26.88
CA ARG G 202 2.33 -2.33 -27.62
C ARG G 202 2.88 -0.91 -27.71
N GLN G 203 2.08 0.07 -27.31
CA GLN G 203 2.49 1.49 -27.44
C GLN G 203 2.36 2.17 -26.08
N GLN G 204 1.32 1.85 -25.32
CA GLN G 204 1.12 2.52 -24.02
C GLN G 204 1.27 1.52 -22.88
N SER G 205 1.41 2.00 -21.66
CA SER G 205 1.46 1.09 -20.48
C SER G 205 0.06 1.01 -19.88
N PHE G 206 -0.42 -0.20 -19.62
CA PHE G 206 -1.78 -0.38 -19.07
C PHE G 206 -1.72 -1.16 -17.77
N THR G 207 -2.01 -0.49 -16.66
CA THR G 207 -2.10 -1.18 -15.39
C THR G 207 -3.48 -1.01 -14.79
N ILE G 208 -3.99 -2.10 -14.21
CA ILE G 208 -5.25 -2.11 -13.48
C ILE G 208 -4.93 -1.98 -12.00
N GLU G 209 -5.12 -0.79 -11.44
CA GLU G 209 -4.76 -0.64 -10.04
C GLU G 209 -5.82 -1.23 -9.13
N GLY G 210 -7.06 -1.33 -9.59
CA GLY G 210 -8.08 -1.88 -8.72
C GLY G 210 -9.47 -1.85 -9.33
N LEU G 211 -10.42 -2.25 -8.49
CA LEU G 211 -11.81 -2.41 -8.89
C LEU G 211 -12.68 -1.49 -8.06
N ALA G 212 -13.54 -0.73 -8.73
CA ALA G 212 -14.43 0.19 -8.03
C ALA G 212 -15.54 -0.60 -7.38
N VAL G 213 -15.61 -0.56 -6.04
CA VAL G 213 -16.61 -1.28 -5.27
C VAL G 213 -17.61 -0.36 -4.57
N GLY G 214 -17.58 0.93 -4.88
CA GLY G 214 -18.50 1.86 -4.27
C GLY G 214 -17.94 3.27 -4.30
N VAL G 215 -18.77 4.21 -3.85
CA VAL G 215 -18.32 5.59 -3.77
C VAL G 215 -18.90 6.27 -2.55
N ILE G 216 -18.06 7.04 -1.88
CA ILE G 216 -18.47 7.95 -0.84
C ILE G 216 -18.44 9.37 -1.41
N ARG G 217 -19.49 10.14 -1.16
CA ARG G 217 -19.56 11.53 -1.56
C ARG G 217 -19.80 12.32 -0.29
N ASN G 218 -18.74 12.89 0.25
CA ASN G 218 -18.78 13.60 1.52
C ASN G 218 -18.25 15.03 1.44
N GLY G 219 -17.49 15.40 0.42
CA GLY G 219 -17.02 16.77 0.37
C GLY G 219 -16.12 17.11 1.54
N ASP G 220 -16.17 18.39 1.95
CA ASP G 220 -15.20 18.97 2.87
C ASP G 220 -15.86 19.14 4.23
N TRP G 221 -15.54 18.23 5.15
CA TRP G 221 -16.21 18.16 6.46
C TRP G 221 -15.59 19.07 7.50
N LEU G 222 -14.54 19.81 7.16
CA LEU G 222 -14.06 20.86 8.03
C LEU G 222 -13.97 22.16 7.26
N GLN H 1 -11.65 -21.72 1.63
CA GLN H 1 -11.30 -22.76 2.59
C GLN H 1 -11.96 -22.44 3.93
N VAL H 2 -13.23 -22.10 3.85
CA VAL H 2 -14.01 -21.66 4.99
C VAL H 2 -15.20 -22.60 5.13
N GLN H 3 -15.37 -23.16 6.32
CA GLN H 3 -16.50 -24.02 6.60
C GLN H 3 -17.35 -23.39 7.68
N LEU H 4 -18.63 -23.22 7.37
CA LEU H 4 -19.66 -22.80 8.30
C LEU H 4 -20.25 -23.99 9.05
N VAL H 5 -20.82 -23.69 10.22
CA VAL H 5 -21.53 -24.67 11.04
C VAL H 5 -22.81 -24.06 11.57
N GLU H 6 -23.93 -24.41 10.96
CA GLU H 6 -25.21 -23.84 11.35
C GLU H 6 -25.75 -24.55 12.58
N SER H 7 -26.36 -23.77 13.46
CA SER H 7 -27.03 -24.27 14.65
C SER H 7 -28.29 -23.46 14.94
N GLY H 8 -29.32 -24.14 15.41
CA GLY H 8 -30.56 -23.50 15.81
C GLY H 8 -31.71 -23.90 14.90
N GLY H 9 -32.87 -23.34 15.21
CA GLY H 9 -34.03 -23.53 14.36
C GLY H 9 -34.85 -24.76 14.72
N GLY H 10 -35.84 -25.01 13.86
CA GLY H 10 -36.83 -26.03 14.11
C GLY H 10 -38.22 -25.45 13.96
N LEU H 11 -39.12 -25.86 14.83
CA LEU H 11 -40.52 -25.39 14.71
C LEU H 11 -40.78 -24.41 15.84
N VAL H 12 -41.25 -23.21 15.51
CA VAL H 12 -41.62 -22.21 16.55
C VAL H 12 -43.08 -21.84 16.34
N GLN H 13 -43.88 -21.86 17.40
CA GLN H 13 -45.27 -21.38 17.25
C GLN H 13 -45.21 -19.90 16.86
N ALA H 14 -46.01 -19.51 15.88
CA ALA H 14 -45.93 -18.12 15.39
C ALA H 14 -46.03 -17.13 16.54
N GLY H 16 -43.09 -16.53 18.37
CA GLY H 16 -42.00 -16.88 19.30
C GLY H 16 -40.62 -16.48 18.83
N SER H 17 -39.62 -17.25 19.25
CA SER H 17 -38.23 -16.87 18.90
C SER H 17 -37.39 -18.09 18.52
N LEU H 18 -36.17 -17.83 18.05
CA LEU H 18 -35.21 -18.84 17.64
C LEU H 18 -33.88 -18.14 17.56
N ARG H 19 -32.88 -18.67 18.22
CA ARG H 19 -31.53 -18.16 18.03
C ARG H 19 -30.86 -19.07 17.03
N LEU H 20 -30.35 -18.48 15.95
CA LEU H 20 -29.49 -19.17 15.01
C LEU H 20 -28.05 -18.77 15.29
N SER H 21 -27.13 -19.69 15.00
CA SER H 21 -25.70 -19.44 15.29
C SER H 21 -24.82 -20.07 14.21
N CYS H 22 -24.04 -19.24 13.51
CA CYS H 22 -23.13 -19.77 12.46
C CYS H 22 -21.68 -19.68 12.95
N ALA H 23 -20.90 -20.74 12.77
CA ALA H 23 -19.50 -20.75 13.23
C ALA H 23 -18.57 -20.85 12.02
N ALA H 24 -17.92 -19.75 11.66
CA ALA H 24 -16.96 -19.79 10.55
C ALA H 24 -15.65 -20.41 11.04
N SER H 25 -15.15 -21.36 10.26
CA SER H 25 -13.91 -22.03 10.55
C SER H 25 -13.11 -22.07 9.27
N GLY H 26 -11.89 -22.59 9.35
CA GLY H 26 -10.96 -22.45 8.25
C GLY H 26 -10.08 -21.22 8.41
N SER H 27 -9.48 -20.81 7.30
CA SER H 27 -8.54 -19.69 7.28
C SER H 27 -9.30 -18.47 6.78
N ILE H 28 -9.63 -17.58 7.71
CA ILE H 28 -10.57 -16.48 7.48
C ILE H 28 -9.79 -15.17 7.58
N ARG H 29 -10.08 -14.25 6.65
CA ARG H 29 -9.48 -12.92 6.67
C ARG H 29 -10.09 -12.08 7.80
N SER H 30 -9.31 -11.12 8.30
CA SER H 30 -9.78 -10.27 9.42
C SER H 30 -10.93 -9.42 8.93
N LEU H 31 -10.82 -8.90 7.71
CA LEU H 31 -11.93 -8.15 7.12
C LEU H 31 -12.87 -9.16 6.46
N ASN H 32 -14.10 -9.25 6.95
CA ASN H 32 -15.04 -10.24 6.40
C ASN H 32 -16.43 -9.95 6.90
N ALA H 33 -17.41 -10.54 6.22
CA ALA H 33 -18.78 -10.45 6.77
C ALA H 33 -19.42 -11.85 6.79
N MET H 34 -20.41 -12.03 7.68
CA MET H 34 -21.20 -13.26 7.80
C MET H 34 -22.65 -12.87 8.10
N GLY H 35 -23.57 -13.82 7.89
CA GLY H 35 -24.98 -13.57 8.13
C GLY H 35 -25.84 -14.72 7.60
N TRP H 36 -27.14 -14.50 7.56
CA TRP H 36 -28.05 -15.47 6.95
C TRP H 36 -28.85 -14.87 5.81
N TYR H 37 -28.84 -15.55 4.67
CA TYR H 37 -29.86 -15.42 3.64
C TYR H 37 -30.92 -16.50 3.88
N ARG H 38 -32.11 -16.31 3.34
CA ARG H 38 -33.16 -17.35 3.49
C ARG H 38 -33.73 -17.69 2.12
N GLN H 39 -34.22 -18.92 1.96
CA GLN H 39 -34.85 -19.36 0.69
C GLN H 39 -36.20 -19.95 1.03
N ALA H 40 -37.27 -19.23 0.74
CA ALA H 40 -38.63 -19.76 0.98
C ALA H 40 -38.99 -20.69 -0.16
N PRO H 41 -39.49 -21.92 0.12
CA PRO H 41 -39.90 -22.81 -0.93
C PRO H 41 -40.67 -22.00 -1.98
N GLY H 42 -40.21 -22.07 -3.23
CA GLY H 42 -40.87 -21.33 -4.32
C GLY H 42 -40.28 -19.95 -4.50
N LYS H 43 -39.99 -19.26 -3.40
CA LYS H 43 -39.49 -17.86 -3.48
C LYS H 43 -37.98 -17.86 -3.69
N GLN H 44 -37.38 -16.67 -3.89
CA GLN H 44 -35.94 -16.59 -4.22
C GLN H 44 -35.09 -16.35 -2.97
N ARG H 45 -33.76 -16.52 -3.09
CA ARG H 45 -32.85 -16.23 -1.96
C ARG H 45 -33.10 -14.79 -1.52
N GLU H 46 -32.97 -14.51 -0.23
CA GLU H 46 -33.37 -13.21 0.33
C GLU H 46 -32.50 -12.96 1.56
N LEU H 47 -31.84 -11.81 1.61
CA LEU H 47 -30.96 -11.52 2.73
C LEU H 47 -31.77 -11.38 4.00
N VAL H 48 -31.43 -12.15 5.03
CA VAL H 48 -32.05 -11.91 6.33
C VAL H 48 -31.22 -10.91 7.12
N ALA H 49 -29.99 -11.30 7.46
CA ALA H 49 -29.17 -10.51 8.37
C ALA H 49 -27.71 -10.58 7.93
N ALA H 50 -27.00 -9.45 8.11
CA ALA H 50 -25.59 -9.34 7.75
C ALA H 50 -24.82 -8.59 8.84
N ILE H 51 -23.51 -8.83 8.90
CA ILE H 51 -22.65 -8.20 9.89
C ILE H 51 -21.19 -8.37 9.50
N THR H 52 -20.36 -7.34 9.67
CA THR H 52 -18.96 -7.34 9.23
C THR H 52 -18.06 -7.64 10.40
N SER H 53 -16.75 -7.66 10.12
CA SER H 53 -15.79 -7.84 11.20
C SER H 53 -15.85 -6.67 12.15
N ARG H 54 -16.04 -5.48 11.61
CA ARG H 54 -15.96 -4.25 12.38
C ARG H 54 -17.28 -3.84 13.04
N GLY H 55 -18.35 -4.63 12.87
CA GLY H 55 -19.57 -4.39 13.61
C GLY H 55 -20.70 -3.78 12.82
N SER H 56 -20.50 -3.40 11.55
CA SER H 56 -21.60 -2.95 10.70
C SER H 56 -22.58 -4.08 10.46
N THR H 57 -23.86 -3.72 10.35
CA THR H 57 -24.96 -4.68 10.25
C THR H 57 -26.00 -4.20 9.24
N ARG H 58 -26.72 -5.15 8.64
CA ARG H 58 -27.84 -4.82 7.76
C ARG H 58 -28.85 -5.96 7.80
N TYR H 59 -30.13 -5.59 7.68
CA TYR H 59 -31.19 -6.57 7.69
C TYR H 59 -32.02 -6.37 6.43
N GLY H 60 -32.68 -7.45 5.99
CA GLY H 60 -33.64 -7.32 4.91
C GLY H 60 -34.83 -6.49 5.33
N ASP H 61 -35.63 -6.05 4.36
CA ASP H 61 -36.70 -5.12 4.73
C ASP H 61 -37.80 -5.85 5.50
N PHE H 62 -38.01 -7.14 5.22
CA PHE H 62 -39.06 -7.85 5.92
C PHE H 62 -38.79 -7.98 7.41
N VAL H 63 -37.53 -7.87 7.83
CA VAL H 63 -37.18 -8.12 9.23
C VAL H 63 -37.86 -7.10 10.13
N LYS H 64 -37.78 -5.82 9.75
CA LYS H 64 -38.43 -4.76 10.50
C LYS H 64 -38.00 -4.79 11.96
N GLY H 65 -36.69 -4.81 12.17
CA GLY H 65 -36.13 -4.77 13.49
C GLY H 65 -36.81 -5.71 14.45
N ARG H 66 -37.10 -6.92 13.98
CA ARG H 66 -37.47 -8.02 14.86
C ARG H 66 -36.32 -8.96 15.13
N PHE H 67 -35.19 -8.80 14.46
CA PHE H 67 -34.06 -9.70 14.66
C PHE H 67 -32.84 -8.87 14.98
N THR H 68 -31.88 -9.54 15.61
CA THR H 68 -30.58 -8.97 15.90
C THR H 68 -29.51 -10.00 15.59
N ILE H 69 -28.44 -9.55 14.93
CA ILE H 69 -27.26 -10.37 14.65
C ILE H 69 -26.07 -9.82 15.42
N SER H 70 -25.11 -10.68 15.76
CA SER H 70 -24.07 -10.25 16.70
C SER H 70 -22.87 -11.18 16.65
N ARG H 71 -21.72 -10.65 17.07
CA ARG H 71 -20.50 -11.45 17.25
C ARG H 71 -20.46 -11.91 18.71
N GLY H 72 -20.30 -13.22 18.91
CA GLY H 72 -20.30 -13.78 20.26
C GLY H 72 -18.98 -13.67 21.00
N ASN H 73 -18.72 -14.59 21.92
CA ASN H 73 -17.47 -14.58 22.65
C ASN H 73 -16.36 -15.01 21.70
N ALA H 74 -16.42 -16.26 21.24
CA ALA H 74 -15.49 -16.74 20.22
C ALA H 74 -15.55 -15.86 19.00
N LYS H 75 -14.41 -15.72 18.32
CA LYS H 75 -14.42 -14.98 17.07
C LYS H 75 -15.05 -15.84 15.96
N ASN H 76 -15.34 -15.20 14.83
CA ASN H 76 -15.81 -15.87 13.61
C ASN H 76 -17.07 -16.66 13.85
N THR H 77 -17.90 -16.13 14.72
CA THR H 77 -19.10 -16.78 15.22
C THR H 77 -20.18 -15.72 15.18
N VAL H 78 -21.35 -16.03 14.62
CA VAL H 78 -22.42 -15.04 14.60
C VAL H 78 -23.74 -15.65 15.05
N TYR H 79 -24.60 -14.77 15.57
CA TYR H 79 -25.85 -15.15 16.19
C TYR H 79 -26.97 -14.31 15.61
N LEU H 80 -28.13 -14.91 15.44
CA LEU H 80 -29.30 -14.20 14.93
C LEU H 80 -30.47 -14.53 15.83
N GLN H 81 -30.99 -13.51 16.53
CA GLN H 81 -32.16 -13.69 17.38
C GLN H 81 -33.38 -13.32 16.56
N MET H 82 -34.33 -14.23 16.45
CA MET H 82 -35.53 -13.94 15.67
C MET H 82 -36.72 -13.84 16.63
N ASN H 83 -37.16 -12.62 16.91
CA ASN H 83 -38.35 -12.40 17.71
C ASN H 83 -39.54 -12.15 16.80
N SER H 84 -40.73 -12.22 17.39
CA SER H 84 -42.00 -11.97 16.71
C SER H 84 -42.09 -12.70 15.37
N LEU H 85 -41.68 -13.96 15.39
CA LEU H 85 -41.62 -14.75 14.12
C LEU H 85 -43.01 -14.91 13.50
N SER H 86 -43.12 -14.91 12.18
CA SER H 86 -44.44 -15.15 11.55
C SER H 86 -44.35 -16.33 10.60
N VAL H 87 -45.50 -16.75 10.06
CA VAL H 87 -45.55 -17.91 9.13
C VAL H 87 -44.74 -17.55 7.89
N GLU H 88 -44.70 -16.26 7.55
CA GLU H 88 -43.97 -15.81 6.36
C GLU H 88 -42.47 -16.02 6.58
N ASP H 89 -42.04 -15.98 7.84
CA ASP H 89 -40.61 -16.16 8.16
C ASP H 89 -40.33 -17.66 8.16
N THR H 90 -41.20 -18.41 7.51
CA THR H 90 -40.92 -19.86 7.38
C THR H 90 -40.13 -20.05 6.09
N ALA H 91 -38.97 -20.70 6.18
CA ALA H 91 -38.11 -20.87 5.00
C ALA H 91 -36.88 -21.69 5.40
N VAL H 92 -35.88 -21.74 4.53
CA VAL H 92 -34.61 -22.41 4.91
C VAL H 92 -33.57 -21.32 5.10
N TYR H 93 -32.91 -21.31 6.26
CA TYR H 93 -31.94 -20.25 6.57
C TYR H 93 -30.52 -20.78 6.34
N TYR H 94 -29.83 -20.21 5.35
CA TYR H 94 -28.46 -20.61 5.02
C TYR H 94 -27.49 -19.52 5.50
N CYS H 95 -26.55 -19.91 6.36
CA CYS H 95 -25.54 -18.94 6.83
C CYS H 95 -24.61 -18.64 5.67
N LYS H 96 -24.30 -17.37 5.49
CA LYS H 96 -23.36 -16.98 4.43
C LYS H 96 -22.14 -16.29 5.02
N GLN H 97 -21.03 -16.40 4.33
CA GLN H 97 -19.80 -15.73 4.74
C GLN H 97 -19.07 -15.25 3.50
N THR H 98 -18.48 -14.05 3.59
CA THR H 98 -17.71 -13.47 2.48
C THR H 98 -16.39 -12.93 2.99
N GLN H 99 -15.39 -13.02 2.11
CA GLN H 99 -14.09 -12.40 2.28
C GLN H 99 -13.50 -12.27 0.90
N LEU H 100 -12.80 -11.15 0.65
CA LEU H 100 -12.04 -10.97 -0.59
C LEU H 100 -12.90 -11.29 -1.80
N GLY H 101 -14.21 -11.08 -1.69
CA GLY H 101 -15.12 -11.22 -2.82
C GLY H 101 -15.59 -12.62 -3.13
N TYR H 102 -15.39 -13.58 -2.23
CA TYR H 102 -15.84 -14.95 -2.41
C TYR H 102 -16.93 -15.26 -1.39
N ASP H 103 -17.79 -16.21 -1.75
CA ASP H 103 -18.91 -16.61 -0.90
C ASP H 103 -18.73 -18.04 -0.41
N TYR H 104 -19.06 -18.27 0.86
CA TYR H 104 -19.06 -19.61 1.42
C TYR H 104 -20.40 -19.83 2.09
N TRP H 105 -21.04 -20.95 1.80
CA TRP H 105 -22.43 -21.07 2.16
C TRP H 105 -22.62 -22.16 3.21
N GLY H 106 -23.87 -22.31 3.64
CA GLY H 106 -24.22 -23.22 4.68
C GLY H 106 -24.94 -24.43 4.12
N GLN H 107 -25.07 -25.45 4.98
CA GLN H 107 -25.81 -26.65 4.60
C GLN H 107 -27.29 -26.39 4.45
N GLY H 108 -27.80 -25.33 5.08
CA GLY H 108 -29.22 -25.06 5.22
C GLY H 108 -29.64 -25.23 6.67
N THR H 109 -30.70 -24.54 7.10
CA THR H 109 -31.34 -24.88 8.37
C THR H 109 -32.82 -24.52 8.31
N GLN H 110 -33.66 -25.51 8.57
CA GLN H 110 -35.09 -25.38 8.35
C GLN H 110 -35.76 -24.61 9.48
N VAL H 111 -36.53 -23.59 9.12
CA VAL H 111 -37.32 -22.82 10.07
C VAL H 111 -38.76 -22.89 9.59
N THR H 112 -39.59 -23.64 10.31
CA THR H 112 -41.02 -23.75 10.04
C THR H 112 -41.76 -23.09 11.19
N VAL H 113 -42.46 -22.00 10.89
CA VAL H 113 -43.23 -21.25 11.88
C VAL H 113 -44.69 -21.69 11.72
N SER H 114 -45.15 -22.56 12.61
CA SER H 114 -46.48 -23.13 12.49
C SER H 114 -47.53 -22.27 13.18
N SER H 115 -48.79 -22.59 12.93
CA SER H 115 -49.91 -21.90 13.54
C SER H 115 -51.01 -22.91 13.93
#